data_7C68
#
_entry.id   7C68
#
_cell.length_a   62.630
_cell.length_b   109.740
_cell.length_c   111.570
_cell.angle_alpha   90.000
_cell.angle_beta   90.000
_cell.angle_gamma   90.000
#
_symmetry.space_group_name_H-M   'P 21 21 21'
#
loop_
_entity.id
_entity.type
_entity.pdbx_description
1 polymer 'Sugar ABC transporter, periplasmic sugar-binding protein'
2 branched beta-D-glucopyranose-(1-4)-beta-D-glucopyranose-(1-4)-beta-D-glucopyranose-(1-4)-beta-D-glucopyranose
3 non-polymer 'CHLORIDE ION'
4 non-polymer 'SULFUR DIOXIDE'
5 non-polymer 'SULFITE ION'
6 non-polymer 'SULFATE ION'
7 non-polymer 'CARBON DIOXIDE'
8 non-polymer 1,2-ETHANEDIOL
9 water water
#
_entity_poly.entity_id   1
_entity_poly.type   'polypeptide(L)'
_entity_poly.pdbx_seq_one_letter_code
;MQKTLEVWIMPNSPQPAEDFKALVAPFEKAHGVEVKVTVLDWGVAWTKITTAATSGVGPDLTQLGTTWVGAISAMGVLEP
VDDVLEALGGEKAYLPAVWRTTRLEGARQATAVPWFSELRAFYYRTDALKAAGVNPAEMFASWQGFEAGLARLKASSFRD
PETKAPLAPLCTPGKNSWDVLHNAAPWIWGAGGEIVRQAGGRWQSALNSPESLEGLYFFLSLAQKGYVPAESLEKNTAQI
EADFQAGKCAVFASGPWMIQRAQVPEAKGGFAERTAAKNLGVAPYPAGPKGRYTFFGGSNLALFNFSKNKPLAKELLKYL
GGPEAQVRYAQMTGMLPALRSAWSDPSFQQNPLLRTFIQAAQFGRTYPSLAGWGGVENLAVQHLGMAWDLVAQGRLTREA
LKDLMDKASAAINQALRHHHHHH
;
_entity_poly.pdbx_strand_id   A,B
#
loop_
_chem_comp.id
_chem_comp.type
_chem_comp.name
_chem_comp.formula
BGC D-saccharide, beta linking beta-D-glucopyranose 'C6 H12 O6'
CL non-polymer 'CHLORIDE ION' 'Cl -1'
CO2 non-polymer 'CARBON DIOXIDE' 'C O2'
EDO non-polymer 1,2-ETHANEDIOL 'C2 H6 O2'
SO2 non-polymer 'SULFUR DIOXIDE' 'O2 S'
SO3 non-polymer 'SULFITE ION' 'O3 S -2'
SO4 non-polymer 'SULFATE ION' 'O4 S -2'
#
# COMPACT_ATOMS: atom_id res chain seq x y z
N GLN A 2 -20.80 22.18 -18.31
CA GLN A 2 -19.81 23.14 -17.70
C GLN A 2 -19.59 22.91 -16.18
N LYS A 3 -20.62 22.98 -15.33
CA LYS A 3 -20.42 22.97 -13.84
C LYS A 3 -19.75 21.65 -13.42
N THR A 4 -18.58 21.71 -12.76
CA THR A 4 -17.97 20.47 -12.19
C THR A 4 -17.59 20.68 -10.72
N LEU A 5 -17.35 19.57 -10.03
CA LEU A 5 -16.83 19.47 -8.65
C LEU A 5 -15.74 18.41 -8.74
N GLU A 6 -14.73 18.52 -7.89
CA GLU A 6 -13.67 17.51 -7.74
C GLU A 6 -13.78 16.97 -6.33
N VAL A 7 -13.73 15.65 -6.18
CA VAL A 7 -13.86 14.99 -4.86
C VAL A 7 -12.74 13.98 -4.77
N TRP A 8 -12.06 13.94 -3.62
CA TRP A 8 -11.04 12.94 -3.29
C TRP A 8 -11.70 11.94 -2.35
N ILE A 9 -11.59 10.64 -2.66
CA ILE A 9 -12.01 9.57 -1.73
C ILE A 9 -10.88 8.58 -1.56
N MET A 10 -10.99 7.77 -0.53
CA MET A 10 -10.10 6.63 -0.22
C MET A 10 -10.82 5.40 -0.72
N PRO A 11 -10.17 4.21 -0.78
CA PRO A 11 -10.81 3.01 -1.29
C PRO A 11 -11.81 2.36 -0.33
N ASN A 12 -13.03 2.87 -0.31
CA ASN A 12 -14.01 2.45 0.73
C ASN A 12 -14.83 1.26 0.22
N SER A 13 -14.88 1.02 -1.09
CA SER A 13 -15.80 0.06 -1.73
C SER A 13 -15.03 -0.83 -2.68
N PRO A 14 -15.57 -1.96 -3.12
CA PRO A 14 -14.88 -2.82 -4.08
C PRO A 14 -14.42 -2.13 -5.37
N GLN A 15 -15.13 -1.15 -5.93
CA GLN A 15 -14.72 -0.44 -7.18
C GLN A 15 -14.82 1.05 -6.89
N PRO A 16 -13.84 1.64 -6.17
CA PRO A 16 -14.08 2.89 -5.47
C PRO A 16 -14.70 4.00 -6.34
N ALA A 17 -14.01 4.41 -7.40
CA ALA A 17 -14.46 5.52 -8.29
C ALA A 17 -15.84 5.21 -8.88
N GLU A 18 -15.99 4.02 -9.44
CA GLU A 18 -17.24 3.60 -10.12
C GLU A 18 -18.40 3.58 -9.11
N ASP A 19 -18.15 3.11 -7.89
CA ASP A 19 -19.26 3.02 -6.91
C ASP A 19 -19.63 4.45 -6.52
N PHE A 20 -18.64 5.30 -6.33
CA PHE A 20 -18.90 6.71 -5.94
C PHE A 20 -19.67 7.40 -7.09
N LYS A 21 -19.26 7.17 -8.32
CA LYS A 21 -19.95 7.71 -9.53
C LYS A 21 -21.43 7.31 -9.54
N ALA A 22 -21.75 6.04 -9.34
CA ALA A 22 -23.14 5.57 -9.18
C ALA A 22 -23.84 6.31 -8.03
N LEU A 23 -23.17 6.51 -6.88
CA LEU A 23 -23.80 7.13 -5.70
C LEU A 23 -24.25 8.56 -6.01
N VAL A 24 -23.45 9.29 -6.76
CA VAL A 24 -23.71 10.71 -7.03
C VAL A 24 -24.49 10.88 -8.34
N ALA A 25 -24.70 9.85 -9.17
CA ALA A 25 -25.41 10.02 -10.50
C ALA A 25 -26.72 10.80 -10.34
N PRO A 26 -27.59 10.48 -9.35
CA PRO A 26 -28.86 11.22 -9.19
C PRO A 26 -28.66 12.71 -8.93
N PHE A 27 -27.66 13.07 -8.10
CA PHE A 27 -27.27 14.48 -7.89
C PHE A 27 -26.77 15.14 -9.20
N GLU A 28 -25.90 14.47 -9.93
CA GLU A 28 -25.33 14.99 -11.19
C GLU A 28 -26.47 15.28 -12.18
N LYS A 29 -27.49 14.44 -12.26
CA LYS A 29 -28.61 14.61 -13.25
C LYS A 29 -29.53 15.75 -12.80
N ALA A 30 -29.76 15.95 -11.47
CA ALA A 30 -30.69 16.98 -10.94
C ALA A 30 -30.10 18.38 -11.15
N HIS A 31 -28.78 18.51 -10.98
CA HIS A 31 -28.08 19.81 -10.89
C HIS A 31 -27.29 20.13 -12.15
N GLY A 32 -27.15 19.18 -13.07
CA GLY A 32 -26.34 19.36 -14.28
C GLY A 32 -24.91 19.64 -13.88
N VAL A 33 -24.34 18.78 -13.03
CA VAL A 33 -22.93 18.92 -12.61
C VAL A 33 -22.24 17.58 -12.88
N GLU A 34 -20.99 17.60 -13.30
CA GLU A 34 -20.12 16.39 -13.34
C GLU A 34 -19.26 16.41 -12.08
N VAL A 35 -19.36 15.39 -11.25
CA VAL A 35 -18.48 15.19 -10.08
C VAL A 35 -17.33 14.30 -10.55
N LYS A 36 -16.11 14.88 -10.60
CA LYS A 36 -14.90 14.11 -10.90
C LYS A 36 -14.40 13.53 -9.58
N VAL A 37 -14.04 12.26 -9.55
CA VAL A 37 -13.54 11.61 -8.33
C VAL A 37 -12.10 11.16 -8.59
N THR A 38 -11.25 11.29 -7.58
CA THR A 38 -9.87 10.75 -7.56
C THR A 38 -9.76 9.89 -6.33
N VAL A 39 -9.26 8.66 -6.48
CA VAL A 39 -9.08 7.74 -5.35
C VAL A 39 -7.65 7.83 -4.87
N LEU A 40 -7.47 8.05 -3.57
CA LEU A 40 -6.16 8.09 -2.87
C LEU A 40 -6.12 6.91 -1.93
N ASP A 41 -5.11 6.08 -2.03
CA ASP A 41 -4.94 4.98 -1.06
C ASP A 41 -4.65 5.62 0.31
N TRP A 42 -5.03 4.91 1.35
CA TRP A 42 -4.91 5.43 2.75
C TRP A 42 -3.46 5.80 3.09
N GLY A 43 -2.49 5.04 2.63
CA GLY A 43 -1.05 5.27 2.86
C GLY A 43 -0.60 6.63 2.33
N VAL A 44 -1.16 7.15 1.23
CA VAL A 44 -0.67 8.45 0.71
C VAL A 44 -1.65 9.57 1.05
N ALA A 45 -2.81 9.26 1.63
CA ALA A 45 -3.90 10.24 1.76
C ALA A 45 -3.48 11.38 2.69
N TRP A 46 -2.73 11.11 3.77
CA TRP A 46 -2.24 12.20 4.65
C TRP A 46 -1.30 13.12 3.87
N THR A 47 -0.33 12.57 3.14
CA THR A 47 0.62 13.44 2.37
C THR A 47 -0.16 14.30 1.37
N LYS A 48 -1.10 13.69 0.64
CA LYS A 48 -1.83 14.35 -0.47
C LYS A 48 -2.76 15.42 0.07
N ILE A 49 -3.44 15.09 1.17
CA ILE A 49 -4.39 16.08 1.75
C ILE A 49 -3.57 17.24 2.35
N THR A 50 -2.48 16.99 3.07
CA THR A 50 -1.70 18.09 3.69
C THR A 50 -1.06 18.94 2.59
N THR A 51 -0.71 18.37 1.46
CA THR A 51 -0.06 19.13 0.36
C THR A 51 -1.14 20.00 -0.29
N ALA A 52 -2.38 19.52 -0.39
CA ALA A 52 -3.50 20.37 -0.84
C ALA A 52 -3.65 21.57 0.13
N ALA A 53 -3.68 21.29 1.43
CA ALA A 53 -3.81 22.31 2.47
C ALA A 53 -2.69 23.35 2.32
N THR A 54 -1.42 22.95 2.30
CA THR A 54 -0.27 23.88 2.35
C THR A 54 -0.18 24.62 1.00
N SER A 55 -0.58 24.01 -0.12
CA SER A 55 -0.43 24.63 -1.45
C SER A 55 -1.62 25.54 -1.79
N GLY A 56 -2.80 25.33 -1.18
CA GLY A 56 -4.03 26.05 -1.58
C GLY A 56 -4.58 25.54 -2.90
N VAL A 57 -4.14 24.36 -3.38
CA VAL A 57 -4.58 23.80 -4.68
C VAL A 57 -5.03 22.37 -4.40
N GLY A 58 -6.17 21.92 -4.91
CA GLY A 58 -6.67 20.59 -4.57
C GLY A 58 -8.13 20.42 -5.02
N PRO A 59 -8.87 19.47 -4.42
CA PRO A 59 -10.24 19.22 -4.85
C PRO A 59 -11.19 20.25 -4.22
N ASP A 60 -12.50 20.15 -4.46
CA ASP A 60 -13.52 20.91 -3.72
C ASP A 60 -13.78 20.20 -2.39
N LEU A 61 -14.09 18.89 -2.44
CA LEU A 61 -14.35 18.04 -1.25
C LEU A 61 -13.24 16.99 -1.16
N THR A 62 -12.86 16.66 0.06
CA THR A 62 -12.09 15.44 0.32
C THR A 62 -12.79 14.63 1.43
N GLN A 63 -12.72 13.33 1.26
CA GLN A 63 -12.87 12.40 2.39
C GLN A 63 -11.78 12.73 3.40
N LEU A 64 -12.17 12.75 4.67
CA LEU A 64 -11.21 12.90 5.81
C LEU A 64 -11.52 11.82 6.84
N GLY A 65 -10.60 10.88 7.06
CA GLY A 65 -10.71 10.02 8.26
C GLY A 65 -11.08 10.84 9.50
N THR A 66 -12.02 10.37 10.28
CA THR A 66 -12.50 11.05 11.50
C THR A 66 -11.33 11.49 12.37
N THR A 67 -10.24 10.75 12.42
CA THR A 67 -9.14 11.06 13.38
C THR A 67 -8.29 12.20 12.82
N TRP A 68 -8.52 12.61 11.54
CA TRP A 68 -7.75 13.70 10.88
C TRP A 68 -8.52 15.01 10.83
N VAL A 69 -9.79 15.04 11.20
CA VAL A 69 -10.61 16.26 11.05
C VAL A 69 -10.00 17.41 11.82
N GLY A 70 -9.65 17.20 13.09
CA GLY A 70 -9.00 18.25 13.89
C GLY A 70 -7.75 18.76 13.22
N ALA A 71 -6.89 17.83 12.80
CA ALA A 71 -5.55 18.10 12.29
C ALA A 71 -5.67 18.97 11.06
N ILE A 72 -6.54 18.62 10.09
CA ILE A 72 -6.66 19.45 8.85
C ILE A 72 -7.36 20.76 9.20
N SER A 73 -8.34 20.74 10.09
CA SER A 73 -9.09 21.97 10.48
C SER A 73 -8.10 22.97 11.08
N ALA A 74 -7.16 22.48 11.89
CA ALA A 74 -6.20 23.36 12.59
C ALA A 74 -5.26 23.99 11.55
N MET A 75 -5.16 23.48 10.34
CA MET A 75 -4.33 24.15 9.30
C MET A 75 -5.09 25.36 8.71
N GLY A 76 -6.30 25.65 9.14
CA GLY A 76 -7.05 26.84 8.68
C GLY A 76 -7.58 26.68 7.25
N VAL A 77 -7.72 25.48 6.69
CA VAL A 77 -8.06 25.33 5.23
C VAL A 77 -9.47 24.78 5.01
N LEU A 78 -10.27 24.53 6.05
CA LEU A 78 -11.61 23.94 5.81
C LEU A 78 -12.71 24.99 6.00
N GLU A 79 -13.75 24.83 5.17
CA GLU A 79 -14.98 25.64 5.21
C GLU A 79 -15.85 25.22 6.38
N PRO A 80 -16.37 26.15 7.19
CA PRO A 80 -17.39 25.79 8.17
C PRO A 80 -18.63 25.22 7.46
N VAL A 81 -19.23 24.22 8.08
CA VAL A 81 -20.36 23.45 7.48
C VAL A 81 -21.44 23.27 8.56
N ASP A 82 -21.49 24.16 9.56
CA ASP A 82 -22.63 24.22 10.52
C ASP A 82 -23.96 24.29 9.76
N ASP A 83 -24.02 25.03 8.65
CA ASP A 83 -25.29 25.14 7.87
C ASP A 83 -25.70 23.75 7.35
N VAL A 84 -24.77 23.02 6.72
CA VAL A 84 -25.10 21.65 6.20
C VAL A 84 -25.57 20.76 7.36
N LEU A 85 -24.91 20.82 8.50
CA LEU A 85 -25.18 19.91 9.63
C LEU A 85 -26.57 20.16 10.21
N GLU A 86 -26.96 21.43 10.32
CA GLU A 86 -28.30 21.93 10.68
C GLU A 86 -29.31 21.35 9.69
N ALA A 87 -29.09 21.50 8.40
CA ALA A 87 -30.00 20.98 7.35
C ALA A 87 -30.17 19.45 7.48
N LEU A 88 -29.21 18.72 8.08
CA LEU A 88 -29.27 17.25 8.23
C LEU A 88 -29.85 16.87 9.61
N GLY A 89 -30.24 17.84 10.45
CA GLY A 89 -30.87 17.57 11.76
C GLY A 89 -30.03 18.02 12.95
N GLY A 90 -28.84 18.56 12.74
CA GLY A 90 -27.97 19.06 13.81
C GLY A 90 -27.52 17.95 14.76
N GLU A 91 -27.12 18.34 15.96
CA GLU A 91 -26.41 17.44 16.90
C GLU A 91 -27.24 16.19 17.17
N LYS A 92 -28.56 16.30 17.18
CA LYS A 92 -29.42 15.15 17.60
C LYS A 92 -29.36 14.07 16.51
N ALA A 93 -29.03 14.43 15.25
CA ALA A 93 -29.11 13.47 14.14
C ALA A 93 -27.92 12.49 14.21
N TYR A 94 -27.00 12.63 15.17
CA TYR A 94 -25.72 11.89 15.23
C TYR A 94 -25.46 11.36 16.65
N LEU A 95 -24.90 10.15 16.74
CA LEU A 95 -24.23 9.61 17.94
C LEU A 95 -23.27 10.66 18.44
N PRO A 96 -23.17 10.88 19.76
CA PRO A 96 -22.18 11.81 20.30
C PRO A 96 -20.72 11.67 19.83
N ALA A 97 -20.17 10.45 19.82
CA ALA A 97 -18.81 10.14 19.28
C ALA A 97 -18.70 10.63 17.82
N VAL A 98 -19.72 10.45 17.00
CA VAL A 98 -19.66 10.91 15.56
C VAL A 98 -19.70 12.44 15.52
N TRP A 99 -20.56 13.07 16.34
CA TRP A 99 -20.68 14.55 16.40
C TRP A 99 -19.34 15.20 16.76
N ARG A 100 -18.54 14.59 17.67
CA ARG A 100 -17.23 15.16 18.07
C ARG A 100 -16.27 15.14 16.88
N THR A 101 -16.46 14.25 15.91
CA THR A 101 -15.54 14.15 14.74
C THR A 101 -15.82 15.28 13.74
N THR A 102 -16.87 16.08 13.93
CA THR A 102 -17.20 17.14 12.95
C THR A 102 -16.30 18.35 13.13
N ARG A 103 -15.45 18.39 14.17
CA ARG A 103 -14.66 19.61 14.47
C ARG A 103 -13.36 19.28 15.21
N LEU A 104 -12.44 20.21 15.13
CA LEU A 104 -11.30 20.35 16.06
C LEU A 104 -11.86 20.53 17.47
N GLU A 105 -11.38 19.76 18.43
CA GLU A 105 -11.76 19.93 19.86
C GLU A 105 -11.68 21.40 20.23
N GLY A 106 -12.71 21.96 20.80
CA GLY A 106 -12.71 23.34 21.34
C GLY A 106 -13.06 24.35 20.27
N ALA A 107 -13.27 23.97 19.01
CA ALA A 107 -13.63 24.92 17.93
C ALA A 107 -15.14 25.24 17.99
N ARG A 108 -15.54 26.46 17.64
CA ARG A 108 -16.98 26.85 17.62
C ARG A 108 -17.65 26.24 16.36
N GLN A 109 -16.95 26.19 15.25
CA GLN A 109 -17.55 25.79 13.96
C GLN A 109 -17.15 24.35 13.58
N ALA A 110 -18.14 23.56 13.16
CA ALA A 110 -17.94 22.25 12.47
C ALA A 110 -17.22 22.49 11.14
N THR A 111 -16.31 21.59 10.78
CA THR A 111 -15.49 21.68 9.55
C THR A 111 -15.52 20.37 8.78
N ALA A 112 -16.39 19.42 9.14
CA ALA A 112 -16.59 18.19 8.35
C ALA A 112 -18.00 17.62 8.58
N VAL A 113 -18.56 17.01 7.55
CA VAL A 113 -19.87 16.34 7.56
C VAL A 113 -19.66 14.83 7.66
N PRO A 114 -20.31 14.17 8.64
CA PRO A 114 -20.23 12.73 8.81
C PRO A 114 -20.67 12.00 7.55
N TRP A 115 -19.86 11.04 7.11
CA TRP A 115 -20.14 10.30 5.86
C TRP A 115 -20.47 8.86 6.21
N PHE A 116 -19.51 8.12 6.77
CA PHE A 116 -19.76 6.73 7.25
C PHE A 116 -19.00 6.51 8.57
N SER A 117 -19.47 5.50 9.28
CA SER A 117 -18.90 5.03 10.55
C SER A 117 -18.37 3.59 10.35
N GLU A 118 -17.40 3.21 11.15
CA GLU A 118 -16.82 1.84 11.15
C GLU A 118 -16.15 1.63 12.52
N LEU A 119 -16.16 0.40 12.99
CA LEU A 119 -15.52 0.06 14.26
C LEU A 119 -15.02 -1.37 14.08
N ARG A 120 -14.18 -1.80 15.00
CA ARG A 120 -13.38 -3.00 14.78
C ARG A 120 -13.94 -4.15 15.61
N ALA A 121 -13.76 -5.34 15.05
CA ALA A 121 -14.11 -6.62 15.68
C ALA A 121 -13.23 -7.65 15.03
N PHE A 122 -13.29 -8.88 15.48
CA PHE A 122 -12.47 -10.01 14.96
C PHE A 122 -13.34 -10.86 14.03
N TYR A 123 -12.86 -11.01 12.83
CA TYR A 123 -13.33 -12.04 11.90
C TYR A 123 -12.60 -13.32 12.28
N TYR A 124 -13.32 -14.43 12.22
CA TYR A 124 -12.70 -15.79 12.40
C TYR A 124 -13.27 -16.76 11.39
N ARG A 125 -12.48 -17.79 11.08
CA ARG A 125 -12.86 -18.93 10.26
C ARG A 125 -13.68 -19.86 11.14
N THR A 126 -14.97 -19.97 10.89
CA THR A 126 -15.90 -20.86 11.62
C THR A 126 -15.35 -22.30 11.56
N ASP A 127 -14.92 -22.74 10.37
CA ASP A 127 -14.41 -24.14 10.14
C ASP A 127 -13.15 -24.33 11.02
N ALA A 128 -12.25 -23.36 11.07
CA ALA A 128 -10.96 -23.51 11.78
C ALA A 128 -11.19 -23.58 13.29
N LEU A 129 -12.06 -22.74 13.85
CA LEU A 129 -12.32 -22.72 15.32
C LEU A 129 -13.08 -24.00 15.72
N LYS A 130 -14.03 -24.42 14.91
CA LYS A 130 -14.80 -25.66 15.15
C LYS A 130 -13.79 -26.82 15.22
N ALA A 131 -12.94 -26.99 14.20
CA ALA A 131 -11.92 -28.07 14.16
C ALA A 131 -10.96 -27.96 15.35
N ALA A 132 -10.62 -26.78 15.85
CA ALA A 132 -9.68 -26.66 16.99
C ALA A 132 -10.39 -26.90 18.32
N GLY A 133 -11.72 -26.96 18.31
CA GLY A 133 -12.55 -27.11 19.53
C GLY A 133 -12.60 -25.81 20.32
N VAL A 134 -12.57 -24.68 19.64
CA VAL A 134 -12.64 -23.35 20.32
C VAL A 134 -14.07 -22.83 20.30
N ASN A 135 -14.61 -22.51 21.46
CA ASN A 135 -15.91 -21.81 21.61
C ASN A 135 -15.65 -20.32 21.37
N PRO A 136 -16.15 -19.73 20.26
CA PRO A 136 -16.08 -18.28 20.06
C PRO A 136 -16.47 -17.46 21.29
N ALA A 137 -17.59 -17.79 21.92
CA ALA A 137 -18.14 -17.08 23.09
C ALA A 137 -17.05 -16.97 24.18
N GLU A 138 -16.24 -17.97 24.37
CA GLU A 138 -15.17 -17.96 25.41
C GLU A 138 -13.91 -17.28 24.87
N MET A 139 -13.52 -17.57 23.63
CA MET A 139 -12.28 -16.98 23.06
C MET A 139 -12.38 -15.45 23.06
N PHE A 140 -13.52 -14.84 22.75
CA PHE A 140 -13.62 -13.38 22.59
C PHE A 140 -14.26 -12.74 23.83
N ALA A 141 -14.31 -13.43 24.96
CA ALA A 141 -14.84 -12.91 26.25
C ALA A 141 -13.78 -12.10 26.99
N SER A 142 -12.57 -12.61 27.06
CA SER A 142 -11.49 -12.03 27.92
C SER A 142 -10.13 -12.21 27.25
N TRP A 143 -9.10 -11.54 27.77
CA TRP A 143 -7.71 -11.70 27.26
C TRP A 143 -7.23 -13.13 27.45
N GLN A 144 -7.50 -13.69 28.63
CA GLN A 144 -7.11 -15.09 28.94
C GLN A 144 -7.83 -15.99 27.94
N GLY A 145 -9.11 -15.81 27.72
CA GLY A 145 -9.83 -16.64 26.74
C GLY A 145 -9.23 -16.47 25.33
N PHE A 146 -8.80 -15.26 24.98
CA PHE A 146 -8.31 -14.95 23.61
C PHE A 146 -7.02 -15.74 23.40
N GLU A 147 -6.15 -15.70 24.39
CA GLU A 147 -4.86 -16.40 24.32
C GLU A 147 -5.10 -17.91 24.36
N ALA A 148 -6.04 -18.39 25.18
CA ALA A 148 -6.37 -19.84 25.26
C ALA A 148 -6.80 -20.32 23.85
N GLY A 149 -7.68 -19.57 23.18
CA GLY A 149 -8.16 -19.94 21.83
C GLY A 149 -7.04 -19.93 20.82
N LEU A 150 -6.17 -18.92 20.84
CA LEU A 150 -5.05 -18.86 19.89
C LEU A 150 -4.16 -20.06 20.11
N ALA A 151 -3.95 -20.47 21.37
CA ALA A 151 -3.10 -21.66 21.67
C ALA A 151 -3.73 -22.90 21.01
N ARG A 152 -5.04 -23.08 21.15
CA ARG A 152 -5.74 -24.25 20.56
C ARG A 152 -5.63 -24.15 19.03
N LEU A 153 -5.75 -22.95 18.48
CA LEU A 153 -5.62 -22.74 17.00
C LEU A 153 -4.19 -23.07 16.53
N LYS A 154 -3.18 -22.78 17.33
CA LYS A 154 -1.76 -23.08 16.98
C LYS A 154 -1.57 -24.61 16.96
N ALA A 155 -2.11 -25.32 17.96
CA ALA A 155 -2.01 -26.80 18.10
C ALA A 155 -2.87 -27.52 17.04
N SER A 156 -3.91 -26.90 16.48
CA SER A 156 -4.90 -27.61 15.64
C SER A 156 -4.18 -28.25 14.45
N SER A 157 -4.65 -29.39 13.99
CA SER A 157 -4.14 -30.06 12.76
C SER A 157 -5.04 -29.70 11.56
N PHE A 158 -6.01 -28.82 11.75
CA PHE A 158 -6.87 -28.31 10.65
C PHE A 158 -6.00 -27.73 9.52
N ARG A 159 -6.37 -28.01 8.27
CA ARG A 159 -5.69 -27.44 7.08
C ARG A 159 -6.77 -26.82 6.19
N ASP A 160 -6.51 -25.64 5.60
CA ASP A 160 -7.45 -24.99 4.69
C ASP A 160 -7.71 -25.93 3.51
N PRO A 161 -8.99 -26.16 3.12
CA PRO A 161 -9.34 -26.99 1.98
C PRO A 161 -8.68 -26.59 0.66
N GLU A 162 -8.50 -25.30 0.38
CA GLU A 162 -7.91 -24.84 -0.90
C GLU A 162 -6.37 -24.84 -0.75
N THR A 163 -5.80 -24.29 0.34
CA THR A 163 -4.33 -24.12 0.48
C THR A 163 -3.68 -25.46 0.84
N LYS A 164 -4.42 -26.39 1.46
CA LYS A 164 -3.90 -27.67 1.97
C LYS A 164 -2.88 -27.43 3.06
N ALA A 165 -2.82 -26.21 3.63
CA ALA A 165 -1.81 -25.86 4.64
C ALA A 165 -2.52 -25.42 5.92
N PRO A 166 -1.83 -25.42 7.08
CA PRO A 166 -2.39 -24.86 8.30
C PRO A 166 -2.64 -23.34 8.14
N LEU A 167 -3.51 -22.82 8.96
CA LEU A 167 -3.74 -21.36 9.12
C LEU A 167 -2.89 -20.85 10.29
N ALA A 168 -2.27 -19.65 10.14
CA ALA A 168 -1.80 -18.84 11.29
C ALA A 168 -3.00 -18.57 12.20
N PRO A 169 -2.86 -18.66 13.54
CA PRO A 169 -3.97 -18.34 14.42
C PRO A 169 -4.48 -16.89 14.23
N LEU A 170 -3.55 -15.92 14.15
CA LEU A 170 -3.87 -14.47 14.20
C LEU A 170 -2.92 -13.79 13.22
N CYS A 171 -3.46 -13.00 12.29
CA CYS A 171 -2.64 -12.12 11.45
C CYS A 171 -3.04 -10.70 11.80
N THR A 172 -2.03 -9.82 11.88
CA THR A 172 -2.15 -8.40 12.20
C THR A 172 -1.01 -7.72 11.45
N PRO A 173 -1.30 -6.55 10.82
CA PRO A 173 -0.29 -5.79 10.09
C PRO A 173 0.71 -5.14 11.07
N GLY A 174 1.97 -5.22 10.69
CA GLY A 174 3.04 -4.66 11.51
C GLY A 174 3.64 -3.41 10.91
N LYS A 175 3.27 -3.05 9.69
CA LYS A 175 3.90 -1.87 9.06
C LYS A 175 2.92 -1.07 8.22
N ASN A 176 3.22 0.21 8.07
CA ASN A 176 2.61 1.20 7.15
C ASN A 176 1.23 1.72 7.48
N SER A 177 0.29 0.84 7.70
CA SER A 177 -1.11 1.24 7.88
C SER A 177 -1.39 2.01 9.17
N TRP A 178 -2.36 2.92 9.07
CA TRP A 178 -2.86 3.64 10.24
C TRP A 178 -3.36 2.57 11.24
N ASP A 179 -3.78 1.41 10.72
CA ASP A 179 -4.30 0.31 11.54
C ASP A 179 -3.23 -0.23 12.49
N VAL A 180 -1.95 0.01 12.24
CA VAL A 180 -0.93 -0.39 13.22
C VAL A 180 -1.28 0.29 14.56
N LEU A 181 -1.71 1.56 14.56
CA LEU A 181 -2.22 2.18 15.79
C LEU A 181 -3.63 1.65 16.16
N HIS A 182 -4.57 1.67 15.24
CA HIS A 182 -5.97 1.35 15.58
C HIS A 182 -6.09 -0.08 16.09
N ASN A 183 -5.18 -0.99 15.70
CA ASN A 183 -5.20 -2.40 16.13
C ASN A 183 -4.57 -2.54 17.54
N ALA A 184 -3.67 -1.63 17.92
CA ALA A 184 -3.04 -1.60 19.25
C ALA A 184 -3.98 -0.93 20.25
N ALA A 185 -4.77 0.03 19.83
CA ALA A 185 -5.53 0.92 20.77
C ALA A 185 -6.44 0.12 21.73
N PRO A 186 -7.22 -0.90 21.30
CA PRO A 186 -8.08 -1.61 22.22
C PRO A 186 -7.30 -2.30 23.33
N TRP A 187 -6.07 -2.75 23.06
CA TRP A 187 -5.24 -3.48 24.02
C TRP A 187 -4.77 -2.48 25.03
N ILE A 188 -4.22 -1.36 24.54
CA ILE A 188 -3.86 -0.21 25.40
C ILE A 188 -5.08 0.20 26.26
N TRP A 189 -6.22 0.44 25.65
CA TRP A 189 -7.43 0.92 26.37
C TRP A 189 -7.92 -0.14 27.37
N GLY A 190 -7.90 -1.44 26.98
CA GLY A 190 -8.33 -2.59 27.79
C GLY A 190 -7.54 -2.69 29.09
N ALA A 191 -6.30 -2.22 29.08
CA ALA A 191 -5.40 -2.31 30.26
C ALA A 191 -5.60 -1.06 31.13
N GLY A 192 -6.39 -0.08 30.68
CA GLY A 192 -6.62 1.19 31.38
C GLY A 192 -5.68 2.28 30.89
N GLY A 193 -5.00 2.05 29.78
CA GLY A 193 -4.15 3.06 29.17
C GLY A 193 -4.89 3.89 28.15
N GLU A 194 -4.12 4.75 27.49
CA GLU A 194 -4.59 5.66 26.44
C GLU A 194 -3.44 6.04 25.53
N ILE A 195 -3.78 6.58 24.36
CA ILE A 195 -2.75 7.10 23.41
C ILE A 195 -2.20 8.40 23.96
N VAL A 196 -3.08 9.29 24.39
CA VAL A 196 -2.72 10.65 24.90
C VAL A 196 -3.50 10.93 26.17
N ARG A 197 -3.01 11.91 26.93
CA ARG A 197 -3.69 12.45 28.13
C ARG A 197 -3.46 13.96 28.20
N GLN A 198 -4.37 14.66 28.88
CA GLN A 198 -4.21 16.08 29.23
C GLN A 198 -3.28 16.18 30.44
N ALA A 199 -2.15 16.88 30.33
CA ALA A 199 -1.34 17.26 31.52
C ALA A 199 -0.86 18.68 31.36
N GLY A 200 -0.88 19.49 32.43
CA GLY A 200 -0.45 20.90 32.38
C GLY A 200 -1.23 21.65 31.31
N GLY A 201 -2.53 21.37 31.20
CA GLY A 201 -3.45 21.95 30.20
C GLY A 201 -2.93 21.86 28.76
N ARG A 202 -2.18 20.81 28.43
CA ARG A 202 -1.82 20.44 27.04
C ARG A 202 -2.10 18.94 26.91
N TRP A 203 -2.05 18.41 25.69
CA TRP A 203 -2.14 16.95 25.47
C TRP A 203 -0.73 16.41 25.34
N GLN A 204 -0.47 15.19 25.80
CA GLN A 204 0.83 14.51 25.58
C GLN A 204 0.60 13.00 25.42
N SER A 205 1.62 12.32 24.94
CA SER A 205 1.64 10.86 24.83
C SER A 205 1.41 10.19 26.21
N ALA A 206 0.58 9.14 26.23
CA ALA A 206 0.42 8.24 27.39
C ALA A 206 0.83 6.84 26.99
N LEU A 207 1.57 6.70 25.86
CA LEU A 207 1.96 5.39 25.29
C LEU A 207 3.00 4.73 26.17
N ASN A 208 3.70 5.48 27.00
CA ASN A 208 4.76 4.97 27.92
C ASN A 208 4.26 5.01 29.36
N SER A 209 2.95 5.11 29.55
CA SER A 209 2.34 4.91 30.89
C SER A 209 2.43 3.43 31.20
N PRO A 210 2.43 3.02 32.50
CA PRO A 210 2.44 1.61 32.84
C PRO A 210 1.30 0.80 32.20
N GLU A 211 0.06 1.28 32.22
CA GLU A 211 -1.10 0.50 31.70
C GLU A 211 -1.03 0.47 30.15
N SER A 212 -0.65 1.55 29.50
CA SER A 212 -0.49 1.55 28.02
C SER A 212 0.58 0.51 27.63
N LEU A 213 1.69 0.44 28.38
CA LEU A 213 2.76 -0.57 28.11
C LEU A 213 2.27 -1.99 28.40
N GLU A 214 1.49 -2.23 29.48
CA GLU A 214 0.88 -3.55 29.79
C GLU A 214 0.03 -4.02 28.58
N GLY A 215 -0.89 -3.21 28.11
CA GLY A 215 -1.73 -3.58 26.95
C GLY A 215 -0.91 -3.86 25.73
N LEU A 216 0.04 -2.96 25.40
CA LEU A 216 0.84 -3.10 24.16
C LEU A 216 1.72 -4.33 24.32
N TYR A 217 2.26 -4.58 25.51
CA TYR A 217 3.17 -5.73 25.71
C TYR A 217 2.38 -7.03 25.55
N PHE A 218 1.15 -7.10 26.09
CA PHE A 218 0.32 -8.32 25.92
C PHE A 218 0.09 -8.60 24.40
N PHE A 219 -0.28 -7.59 23.64
CA PHE A 219 -0.58 -7.67 22.18
C PHE A 219 0.66 -8.17 21.43
N LEU A 220 1.80 -7.55 21.67
CA LEU A 220 3.08 -7.92 21.00
C LEU A 220 3.45 -9.33 21.41
N SER A 221 3.23 -9.71 22.67
CA SER A 221 3.57 -11.04 23.20
C SER A 221 2.80 -12.13 22.45
N LEU A 222 1.62 -11.81 21.91
CA LEU A 222 0.91 -12.78 21.06
C LEU A 222 1.82 -13.23 19.91
N ALA A 223 2.55 -12.33 19.26
CA ALA A 223 3.50 -12.67 18.17
C ALA A 223 4.73 -13.35 18.76
N GLN A 224 5.24 -12.90 19.90
CA GLN A 224 6.42 -13.56 20.51
C GLN A 224 6.10 -15.02 20.82
N LYS A 225 4.84 -15.36 21.13
CA LYS A 225 4.45 -16.75 21.47
C LYS A 225 4.10 -17.54 20.21
N GLY A 226 4.28 -17.01 18.99
CA GLY A 226 4.11 -17.74 17.73
C GLY A 226 2.66 -17.82 17.31
N TYR A 227 1.79 -16.96 17.82
CA TYR A 227 0.36 -16.97 17.44
C TYR A 227 0.17 -16.13 16.17
N VAL A 228 1.08 -15.19 15.93
CA VAL A 228 1.15 -14.37 14.69
C VAL A 228 2.40 -14.81 13.95
N PRO A 229 2.34 -15.11 12.63
CA PRO A 229 3.54 -15.43 11.89
C PRO A 229 4.48 -14.21 11.79
N ALA A 230 5.80 -14.43 11.83
CA ALA A 230 6.86 -13.43 11.52
C ALA A 230 6.50 -12.59 10.29
N GLU A 231 6.06 -13.23 9.19
CA GLU A 231 5.75 -12.56 7.90
C GLU A 231 4.69 -11.46 8.08
N SER A 232 3.69 -11.64 8.94
CA SER A 232 2.60 -10.65 9.20
C SER A 232 3.21 -9.33 9.62
N LEU A 233 4.32 -9.39 10.37
CA LEU A 233 4.83 -8.21 11.11
C LEU A 233 5.47 -7.25 10.10
N GLU A 234 5.64 -7.67 8.85
CA GLU A 234 6.19 -6.78 7.79
C GLU A 234 5.07 -6.33 6.84
N LYS A 235 3.83 -6.74 7.06
CA LYS A 235 2.72 -6.48 6.13
C LYS A 235 1.80 -5.34 6.58
N ASN A 236 1.10 -4.76 5.62
CA ASN A 236 0.12 -3.69 5.82
C ASN A 236 -1.29 -4.26 5.83
N THR A 237 -2.28 -3.41 6.02
CA THR A 237 -3.68 -3.82 6.17
C THR A 237 -4.10 -4.61 4.94
N ALA A 238 -3.89 -4.10 3.70
CA ALA A 238 -4.44 -4.80 2.51
C ALA A 238 -3.83 -6.21 2.43
N GLN A 239 -2.56 -6.36 2.79
CA GLN A 239 -1.87 -7.65 2.68
C GLN A 239 -2.43 -8.65 3.69
N ILE A 240 -2.75 -8.22 4.91
CA ILE A 240 -3.34 -9.09 5.94
C ILE A 240 -4.77 -9.44 5.50
N GLU A 241 -5.54 -8.47 4.96
CA GLU A 241 -6.89 -8.81 4.43
C GLU A 241 -6.71 -9.85 3.32
N ALA A 242 -5.73 -9.68 2.45
CA ALA A 242 -5.53 -10.67 1.34
C ALA A 242 -5.17 -12.03 1.91
N ASP A 243 -4.39 -12.06 2.99
CA ASP A 243 -3.93 -13.31 3.65
C ASP A 243 -5.17 -13.99 4.26
N PHE A 244 -6.05 -13.26 4.91
CA PHE A 244 -7.29 -13.89 5.40
C PHE A 244 -8.13 -14.44 4.23
N GLN A 245 -8.34 -13.65 3.18
CA GLN A 245 -9.16 -14.11 2.01
C GLN A 245 -8.56 -15.38 1.44
N ALA A 246 -7.24 -15.47 1.40
CA ALA A 246 -6.51 -16.57 0.75
C ALA A 246 -6.53 -17.82 1.63
N GLY A 247 -7.01 -17.72 2.86
CA GLY A 247 -7.15 -18.88 3.76
C GLY A 247 -5.88 -19.15 4.55
N LYS A 248 -5.13 -18.09 4.88
CA LYS A 248 -3.82 -18.24 5.57
C LYS A 248 -3.93 -17.92 7.06
N CYS A 249 -5.04 -17.37 7.54
CA CYS A 249 -5.20 -16.82 8.92
C CYS A 249 -6.57 -17.22 9.43
N ALA A 250 -6.60 -17.65 10.67
CA ALA A 250 -7.83 -18.12 11.32
C ALA A 250 -8.61 -16.91 11.81
N VAL A 251 -7.88 -15.88 12.26
CA VAL A 251 -8.45 -14.73 12.98
C VAL A 251 -7.75 -13.47 12.50
N PHE A 252 -8.51 -12.38 12.38
CA PHE A 252 -7.92 -11.04 12.17
C PHE A 252 -8.93 -9.96 12.53
N ALA A 253 -8.43 -8.80 12.88
CA ALA A 253 -9.24 -7.62 13.24
C ALA A 253 -9.51 -6.75 12.01
N SER A 254 -10.78 -6.40 11.84
CA SER A 254 -11.14 -5.49 10.74
C SER A 254 -12.48 -4.79 11.06
N GLY A 255 -12.97 -4.07 10.05
CA GLY A 255 -14.22 -3.31 10.10
C GLY A 255 -15.28 -4.08 9.37
N PRO A 256 -16.48 -3.52 9.34
CA PRO A 256 -17.63 -4.23 8.78
C PRO A 256 -17.59 -4.38 7.25
N TRP A 257 -16.66 -3.71 6.58
CA TRP A 257 -16.59 -3.77 5.09
C TRP A 257 -16.32 -5.21 4.61
N MET A 258 -15.63 -6.06 5.38
CA MET A 258 -15.25 -7.40 4.88
C MET A 258 -16.51 -8.28 4.65
N ILE A 259 -17.58 -8.06 5.43
CA ILE A 259 -18.88 -8.78 5.26
C ILE A 259 -19.36 -8.52 3.82
N GLN A 260 -19.36 -7.24 3.38
CA GLN A 260 -19.76 -6.86 1.99
C GLN A 260 -18.79 -7.48 0.98
N ARG A 261 -17.50 -7.39 1.20
CA ARG A 261 -16.49 -7.99 0.26
C ARG A 261 -16.70 -9.51 0.13
N ALA A 262 -17.13 -10.17 1.20
CA ALA A 262 -17.37 -11.65 1.18
C ALA A 262 -18.45 -12.05 0.16
N GLN A 263 -19.34 -11.14 -0.21
CA GLN A 263 -20.56 -11.46 -1.00
C GLN A 263 -20.36 -11.12 -2.47
N VAL A 264 -19.18 -10.71 -2.86
CA VAL A 264 -18.88 -10.15 -4.21
C VAL A 264 -17.70 -10.94 -4.81
N PRO A 265 -17.76 -11.30 -6.12
CA PRO A 265 -16.69 -12.08 -6.73
C PRO A 265 -15.37 -11.29 -6.74
N GLU A 266 -14.26 -11.98 -6.91
CA GLU A 266 -12.93 -11.35 -7.00
C GLU A 266 -12.86 -10.31 -8.11
N ALA A 267 -13.46 -10.59 -9.27
CA ALA A 267 -13.45 -9.72 -10.47
C ALA A 267 -13.93 -8.32 -10.10
N LYS A 268 -14.82 -8.21 -9.12
CA LYS A 268 -15.50 -6.96 -8.70
C LYS A 268 -14.91 -6.55 -7.38
N GLY A 269 -13.87 -7.24 -6.87
CA GLY A 269 -13.10 -6.73 -5.70
C GLY A 269 -13.48 -7.38 -4.38
N GLY A 270 -14.17 -8.51 -4.40
CA GLY A 270 -14.42 -9.29 -3.18
C GLY A 270 -13.68 -10.62 -3.18
N PHE A 271 -14.17 -11.57 -2.38
CA PHE A 271 -13.58 -12.92 -2.17
C PHE A 271 -14.67 -13.98 -2.02
N ALA A 272 -15.79 -13.82 -2.72
CA ALA A 272 -16.90 -14.81 -2.74
C ALA A 272 -16.37 -16.20 -3.13
N GLU A 273 -15.35 -16.28 -4.00
CA GLU A 273 -14.83 -17.58 -4.53
C GLU A 273 -14.02 -18.29 -3.43
N ARG A 274 -13.68 -17.64 -2.33
CA ARG A 274 -12.74 -18.22 -1.34
C ARG A 274 -13.50 -18.94 -0.22
N THR A 275 -12.91 -20.03 0.31
CA THR A 275 -13.39 -20.79 1.50
C THR A 275 -13.77 -19.83 2.63
N ALA A 276 -12.99 -18.79 2.90
CA ALA A 276 -13.18 -17.84 4.04
C ALA A 276 -14.58 -17.23 3.94
N ALA A 277 -15.09 -17.04 2.72
CA ALA A 277 -16.35 -16.31 2.50
C ALA A 277 -17.52 -17.16 3.01
N LYS A 278 -17.42 -18.50 2.91
CA LYS A 278 -18.49 -19.47 3.30
C LYS A 278 -18.28 -19.85 4.78
N ASN A 279 -17.23 -19.37 5.40
CA ASN A 279 -16.82 -19.83 6.76
C ASN A 279 -16.53 -18.63 7.65
N LEU A 280 -17.36 -17.61 7.61
CA LEU A 280 -17.07 -16.26 8.18
C LEU A 280 -17.85 -16.07 9.49
N GLY A 281 -17.13 -15.88 10.57
CA GLY A 281 -17.68 -15.48 11.87
C GLY A 281 -17.18 -14.11 12.25
N VAL A 282 -17.95 -13.40 13.08
CA VAL A 282 -17.48 -12.14 13.73
C VAL A 282 -17.64 -12.30 15.24
N ALA A 283 -16.66 -11.85 16.02
CA ALA A 283 -16.79 -11.72 17.49
C ALA A 283 -16.22 -10.38 17.94
N PRO A 284 -16.80 -9.73 18.99
CA PRO A 284 -16.22 -8.51 19.54
C PRO A 284 -14.84 -8.73 20.16
N TYR A 285 -14.10 -7.63 20.32
CA TYR A 285 -12.84 -7.57 21.10
C TYR A 285 -13.17 -8.06 22.52
N PRO A 286 -12.28 -8.88 23.08
CA PRO A 286 -12.45 -9.38 24.44
C PRO A 286 -12.26 -8.23 25.44
N ALA A 287 -12.91 -8.32 26.59
CA ALA A 287 -12.73 -7.39 27.73
C ALA A 287 -11.29 -7.55 28.21
N GLY A 288 -10.64 -6.44 28.49
CA GLY A 288 -9.33 -6.49 29.14
C GLY A 288 -9.50 -6.35 30.66
N PRO A 289 -8.42 -6.18 31.43
CA PRO A 289 -8.58 -6.06 32.87
C PRO A 289 -9.38 -4.80 33.28
N LYS A 290 -9.47 -3.74 32.48
CA LYS A 290 -10.15 -2.49 32.87
C LYS A 290 -11.35 -2.26 31.96
N GLY A 291 -11.73 -3.25 31.18
CA GLY A 291 -13.01 -3.21 30.47
C GLY A 291 -12.84 -3.48 28.99
N ARG A 292 -13.95 -3.37 28.29
CA ARG A 292 -14.05 -3.66 26.85
C ARG A 292 -14.05 -2.35 26.04
N TYR A 293 -13.18 -2.31 25.05
CA TYR A 293 -13.05 -1.17 24.15
C TYR A 293 -12.81 -1.70 22.75
N THR A 294 -13.30 -0.98 21.75
CA THR A 294 -12.80 -1.19 20.35
C THR A 294 -12.65 0.19 19.72
N PHE A 295 -11.81 0.26 18.70
CA PHE A 295 -11.66 1.49 17.88
C PHE A 295 -12.97 1.74 17.13
N PHE A 296 -13.50 2.94 17.29
CA PHE A 296 -14.62 3.50 16.54
C PHE A 296 -14.08 4.66 15.71
N GLY A 297 -14.28 4.61 14.42
CA GLY A 297 -13.93 5.69 13.50
C GLY A 297 -14.90 5.79 12.34
N GLY A 298 -14.35 5.95 11.13
CA GLY A 298 -15.13 6.32 9.95
C GLY A 298 -14.49 7.48 9.24
N SER A 299 -15.25 8.07 8.31
CA SER A 299 -14.77 9.17 7.46
C SER A 299 -15.86 10.22 7.37
N ASN A 300 -15.43 11.47 7.30
CA ASN A 300 -16.29 12.62 7.09
C ASN A 300 -15.91 13.22 5.73
N LEU A 301 -16.66 14.23 5.34
CA LEU A 301 -16.43 14.97 4.09
C LEU A 301 -16.17 16.42 4.42
N ALA A 302 -15.10 16.99 3.86
CA ALA A 302 -14.72 18.37 4.14
C ALA A 302 -14.59 19.12 2.83
N LEU A 303 -14.90 20.41 2.90
CA LEU A 303 -14.86 21.40 1.79
C LEU A 303 -13.66 22.32 2.02
N PHE A 304 -12.72 22.33 1.09
CA PHE A 304 -11.58 23.26 1.16
C PHE A 304 -12.10 24.69 1.03
N ASN A 305 -11.68 25.56 1.94
CA ASN A 305 -12.15 26.97 1.97
C ASN A 305 -11.61 27.70 0.76
N PHE A 306 -10.67 27.12 0.02
CA PHE A 306 -10.19 27.70 -1.27
C PHE A 306 -11.02 27.19 -2.45
N SER A 307 -12.04 26.35 -2.24
CA SER A 307 -12.93 25.89 -3.32
C SER A 307 -13.55 27.10 -4.03
N LYS A 308 -13.62 27.03 -5.36
CA LYS A 308 -14.34 27.97 -6.26
C LYS A 308 -15.84 27.68 -6.29
N ASN A 309 -16.32 26.60 -5.66
CA ASN A 309 -17.69 26.13 -5.92
C ASN A 309 -18.42 25.84 -4.62
N LYS A 310 -18.39 26.74 -3.66
CA LYS A 310 -18.77 26.36 -2.27
C LYS A 310 -20.26 26.06 -2.14
N PRO A 311 -21.16 26.91 -2.68
CA PRO A 311 -22.59 26.60 -2.64
C PRO A 311 -22.97 25.23 -3.24
N LEU A 312 -22.45 24.93 -4.42
CA LEU A 312 -22.71 23.63 -5.06
C LEU A 312 -22.08 22.46 -4.25
N ALA A 313 -20.85 22.61 -3.80
CA ALA A 313 -20.16 21.63 -2.91
C ALA A 313 -21.03 21.41 -1.65
N LYS A 314 -21.62 22.44 -1.07
CA LYS A 314 -22.44 22.23 0.14
C LYS A 314 -23.70 21.46 -0.19
N GLU A 315 -24.25 21.69 -1.39
CA GLU A 315 -25.42 20.89 -1.86
C GLU A 315 -25.00 19.42 -2.02
N LEU A 316 -23.78 19.17 -2.48
CA LEU A 316 -23.30 17.76 -2.56
C LEU A 316 -23.13 17.29 -1.13
N LEU A 317 -22.57 18.09 -0.23
CA LEU A 317 -22.39 17.57 1.17
C LEU A 317 -23.75 17.19 1.78
N LYS A 318 -24.77 18.01 1.59
CA LYS A 318 -26.10 17.72 2.16
C LYS A 318 -26.63 16.41 1.54
N TYR A 319 -26.41 16.22 0.25
CA TYR A 319 -26.86 15.02 -0.45
C TYR A 319 -26.12 13.80 0.15
N LEU A 320 -24.80 13.86 0.22
CA LEU A 320 -24.03 12.67 0.68
C LEU A 320 -24.29 12.38 2.16
N GLY A 321 -24.57 13.39 2.97
CA GLY A 321 -24.80 13.20 4.41
C GLY A 321 -26.27 12.86 4.72
N GLY A 322 -27.13 12.89 3.69
CA GLY A 322 -28.59 12.72 3.84
C GLY A 322 -29.04 11.27 3.77
N PRO A 323 -30.27 10.98 4.20
CA PRO A 323 -30.69 9.59 4.47
C PRO A 323 -30.55 8.62 3.28
N GLU A 324 -30.92 9.06 2.08
CA GLU A 324 -30.93 8.15 0.92
C GLU A 324 -29.49 7.75 0.57
N ALA A 325 -28.62 8.74 0.35
CA ALA A 325 -27.20 8.50 -0.02
C ALA A 325 -26.49 7.80 1.13
N GLN A 326 -26.92 8.04 2.37
CA GLN A 326 -26.28 7.45 3.55
C GLN A 326 -26.48 5.94 3.53
N VAL A 327 -27.72 5.51 3.29
CA VAL A 327 -28.05 4.07 3.18
C VAL A 327 -27.33 3.49 1.97
N ARG A 328 -27.41 4.15 0.83
CA ARG A 328 -26.86 3.62 -0.42
C ARG A 328 -25.34 3.41 -0.30
N TYR A 329 -24.61 4.38 0.20
CA TYR A 329 -23.14 4.21 0.27
C TYR A 329 -22.76 3.12 1.30
N ALA A 330 -23.51 3.02 2.38
CA ALA A 330 -23.22 2.00 3.41
C ALA A 330 -23.48 0.62 2.80
N GLN A 331 -24.55 0.46 1.99
CA GLN A 331 -24.82 -0.80 1.26
C GLN A 331 -23.64 -1.12 0.34
N MET A 332 -23.09 -0.13 -0.37
CA MET A 332 -22.09 -0.40 -1.42
C MET A 332 -20.71 -0.68 -0.77
N THR A 333 -20.45 -0.10 0.40
CA THR A 333 -19.11 -0.12 1.02
C THR A 333 -19.06 -1.18 2.10
N GLY A 334 -20.22 -1.51 2.71
CA GLY A 334 -20.30 -2.34 3.92
C GLY A 334 -19.88 -1.60 5.18
N MET A 335 -19.79 -0.27 5.11
CA MET A 335 -19.64 0.57 6.31
C MET A 335 -21.03 0.71 6.97
N LEU A 336 -21.10 1.35 8.14
CA LEU A 336 -22.33 1.86 8.78
C LEU A 336 -22.54 3.29 8.39
N PRO A 337 -23.81 3.73 8.26
CA PRO A 337 -24.08 5.13 7.99
C PRO A 337 -23.52 5.93 9.16
N ALA A 338 -23.23 7.20 8.90
CA ALA A 338 -22.85 8.17 9.93
C ALA A 338 -24.14 8.72 10.52
N LEU A 339 -25.16 8.87 9.69
CA LEU A 339 -26.45 9.45 10.14
C LEU A 339 -27.24 8.40 10.95
N ARG A 340 -27.58 8.74 12.19
CA ARG A 340 -28.17 7.81 13.22
C ARG A 340 -29.38 7.11 12.59
N SER A 341 -30.28 7.89 12.03
CA SER A 341 -31.57 7.40 11.49
C SER A 341 -31.32 6.21 10.57
N ALA A 342 -30.31 6.31 9.69
CA ALA A 342 -30.04 5.35 8.60
C ALA A 342 -29.70 3.92 9.11
N TRP A 343 -29.42 3.72 10.40
CA TRP A 343 -29.06 2.41 11.00
C TRP A 343 -30.26 1.45 11.00
N SER A 344 -31.50 1.96 10.90
CA SER A 344 -32.76 1.16 10.96
C SER A 344 -33.12 0.51 9.61
N ASP A 345 -32.51 0.92 8.48
CA ASP A 345 -32.71 0.21 7.19
C ASP A 345 -32.49 -1.31 7.38
N PRO A 346 -33.30 -2.20 6.73
CA PRO A 346 -33.07 -3.64 6.77
C PRO A 346 -31.69 -4.13 6.32
N SER A 347 -31.08 -3.48 5.30
CA SER A 347 -29.70 -3.81 4.81
C SER A 347 -28.73 -4.02 6.00
N PHE A 348 -28.96 -3.22 7.08
CA PHE A 348 -28.18 -3.17 8.35
C PHE A 348 -28.86 -4.03 9.42
N GLN A 349 -30.15 -3.85 9.69
CA GLN A 349 -30.80 -4.55 10.84
C GLN A 349 -30.96 -6.05 10.56
N GLN A 350 -31.02 -6.46 9.28
CA GLN A 350 -31.32 -7.86 8.88
C GLN A 350 -30.03 -8.67 8.73
N ASN A 351 -28.89 -8.03 8.93
CA ASN A 351 -27.55 -8.60 8.62
C ASN A 351 -26.89 -9.09 9.91
N PRO A 352 -26.83 -10.42 10.15
CA PRO A 352 -26.38 -10.97 11.44
C PRO A 352 -24.91 -10.73 11.78
N LEU A 353 -24.00 -10.85 10.83
CA LEU A 353 -22.58 -10.47 11.10
C LEU A 353 -22.49 -8.98 11.41
N LEU A 354 -23.26 -8.16 10.71
CA LEU A 354 -23.23 -6.69 10.95
C LEU A 354 -23.79 -6.35 12.34
N ARG A 355 -24.77 -7.11 12.82
CA ARG A 355 -25.41 -6.90 14.13
C ARG A 355 -24.35 -7.01 15.21
N THR A 356 -23.36 -7.87 15.03
CA THR A 356 -22.20 -7.98 15.95
C THR A 356 -21.48 -6.61 16.01
N PHE A 357 -21.27 -5.95 14.88
CA PHE A 357 -20.58 -4.62 14.83
C PHE A 357 -21.46 -3.55 15.51
N ILE A 358 -22.74 -3.56 15.24
CA ILE A 358 -23.71 -2.59 15.81
C ILE A 358 -23.71 -2.75 17.34
N GLN A 359 -23.67 -3.95 17.85
CA GLN A 359 -23.67 -4.23 19.30
C GLN A 359 -22.32 -3.78 19.85
N ALA A 360 -21.23 -4.02 19.13
CA ALA A 360 -19.85 -3.68 19.55
C ALA A 360 -19.69 -2.15 19.66
N ALA A 361 -20.56 -1.36 19.02
CA ALA A 361 -20.46 0.13 19.05
C ALA A 361 -20.62 0.64 20.49
N GLN A 362 -21.32 -0.12 21.33
CA GLN A 362 -21.48 0.25 22.73
C GLN A 362 -20.10 0.43 23.38
N PHE A 363 -19.07 -0.32 23.00
CA PHE A 363 -17.71 -0.29 23.61
C PHE A 363 -16.76 0.53 22.74
N GLY A 364 -17.30 1.21 21.73
CA GLY A 364 -16.56 2.03 20.75
C GLY A 364 -15.84 3.19 21.42
N ARG A 365 -14.59 3.45 21.06
CA ARG A 365 -13.88 4.62 21.61
C ARG A 365 -13.09 5.29 20.48
N THR A 366 -13.00 6.62 20.56
CA THR A 366 -12.38 7.51 19.56
C THR A 366 -11.16 8.19 20.21
N TYR A 367 -10.23 8.65 19.38
CA TYR A 367 -9.09 9.49 19.82
C TYR A 367 -9.66 10.90 19.93
N PRO A 368 -9.18 11.76 20.84
CA PRO A 368 -9.58 13.16 20.80
C PRO A 368 -9.19 13.75 19.44
N SER A 369 -9.96 14.75 19.05
CA SER A 369 -9.90 15.43 17.74
C SER A 369 -8.88 16.57 17.85
N LEU A 370 -7.58 16.28 17.86
CA LEU A 370 -6.50 17.28 18.16
C LEU A 370 -5.80 17.76 16.89
N ALA A 371 -5.31 19.02 16.89
CA ALA A 371 -4.32 19.52 15.94
C ALA A 371 -3.10 18.59 16.00
N GLY A 372 -2.46 18.23 14.93
CA GLY A 372 -1.23 17.42 15.19
C GLY A 372 -1.49 15.91 15.26
N TRP A 373 -2.75 15.48 15.25
CA TRP A 373 -3.15 14.06 15.25
C TRP A 373 -2.56 13.36 14.05
N GLY A 374 -2.54 14.00 12.87
CA GLY A 374 -1.93 13.38 11.67
C GLY A 374 -0.48 13.01 11.99
N GLY A 375 0.24 13.92 12.63
CA GLY A 375 1.62 13.72 13.14
C GLY A 375 1.70 12.58 14.16
N VAL A 376 0.80 12.58 15.14
CA VAL A 376 0.69 11.50 16.16
C VAL A 376 0.56 10.15 15.44
N GLU A 377 -0.32 10.06 14.44
CA GLU A 377 -0.55 8.73 13.79
C GLU A 377 0.69 8.29 13.01
N ASN A 378 1.32 9.18 12.24
CA ASN A 378 2.56 8.82 11.49
C ASN A 378 3.58 8.31 12.50
N LEU A 379 3.79 9.06 13.56
CA LEU A 379 4.86 8.72 14.56
C LEU A 379 4.49 7.43 15.28
N ALA A 380 3.20 7.21 15.58
CA ALA A 380 2.76 6.00 16.33
C ALA A 380 2.95 4.79 15.44
N VAL A 381 2.56 4.87 14.18
CA VAL A 381 2.70 3.78 13.19
C VAL A 381 4.17 3.43 13.10
N GLN A 382 5.01 4.43 12.96
CA GLN A 382 6.48 4.25 12.78
C GLN A 382 7.06 3.55 14.04
N HIS A 383 6.73 3.99 15.22
CA HIS A 383 7.33 3.47 16.48
C HIS A 383 6.70 2.13 16.85
N LEU A 384 5.40 1.93 16.62
CA LEU A 384 4.77 0.62 16.89
C LEU A 384 5.31 -0.42 15.89
N GLY A 385 5.52 -0.02 14.63
CA GLY A 385 6.24 -0.82 13.63
C GLY A 385 7.58 -1.33 14.12
N MET A 386 8.36 -0.49 14.80
CA MET A 386 9.66 -0.90 15.43
C MET A 386 9.40 -1.76 16.68
N ALA A 387 8.25 -1.62 17.34
CA ALA A 387 7.94 -2.53 18.46
C ALA A 387 7.76 -3.94 17.85
N TRP A 388 7.03 -4.05 16.74
CA TRP A 388 6.84 -5.35 16.09
C TRP A 388 8.20 -5.92 15.65
N ASP A 389 9.12 -5.07 15.23
CA ASP A 389 10.51 -5.49 14.88
C ASP A 389 11.20 -6.09 16.10
N LEU A 390 10.98 -5.56 17.31
CA LEU A 390 11.59 -6.18 18.51
C LEU A 390 11.21 -7.67 18.56
N VAL A 391 9.97 -8.00 18.17
CA VAL A 391 9.44 -9.39 18.25
C VAL A 391 10.19 -10.22 17.21
N ALA A 392 10.13 -9.80 15.94
CA ALA A 392 10.84 -10.48 14.84
C ALA A 392 12.33 -10.68 15.21
N GLN A 393 13.02 -9.70 15.81
CA GLN A 393 14.48 -9.76 16.15
C GLN A 393 14.74 -10.57 17.45
N GLY A 394 13.71 -11.05 18.16
CA GLY A 394 13.85 -11.74 19.46
C GLY A 394 14.35 -10.83 20.57
N ARG A 395 14.08 -9.52 20.50
CA ARG A 395 14.54 -8.47 21.46
C ARG A 395 13.33 -7.90 22.22
N LEU A 396 12.17 -8.58 22.28
CA LEU A 396 11.02 -8.00 23.04
C LEU A 396 11.22 -8.30 24.52
N THR A 397 11.40 -7.26 25.30
CA THR A 397 11.40 -7.22 26.78
C THR A 397 10.62 -5.97 27.20
N ARG A 398 10.26 -5.90 28.48
CA ARG A 398 9.44 -4.78 28.97
C ARG A 398 10.24 -3.48 28.89
N GLU A 399 11.54 -3.54 29.20
CA GLU A 399 12.44 -2.35 29.19
C GLU A 399 12.68 -1.90 27.75
N ALA A 400 12.91 -2.79 26.78
CA ALA A 400 13.08 -2.41 25.36
C ALA A 400 11.79 -1.73 24.85
N LEU A 401 10.61 -2.26 25.19
CA LEU A 401 9.34 -1.62 24.78
C LEU A 401 9.24 -0.23 25.41
N LYS A 402 9.56 -0.12 26.69
CA LYS A 402 9.51 1.15 27.41
C LYS A 402 10.42 2.16 26.74
N ASP A 403 11.67 1.81 26.47
CA ASP A 403 12.64 2.75 25.81
C ASP A 403 12.12 3.18 24.44
N LEU A 404 11.48 2.28 23.70
CA LEU A 404 10.91 2.64 22.36
C LEU A 404 9.67 3.55 22.50
N MET A 405 8.78 3.26 23.44
CA MET A 405 7.60 4.14 23.65
C MET A 405 7.98 5.48 24.27
N ASP A 406 9.05 5.55 25.06
CA ASP A 406 9.68 6.83 25.47
C ASP A 406 10.05 7.66 24.22
N LYS A 407 10.80 7.09 23.32
CA LYS A 407 11.10 7.76 22.02
C LYS A 407 9.84 8.18 21.29
N ALA A 408 8.84 7.30 21.27
CA ALA A 408 7.59 7.55 20.54
C ALA A 408 6.96 8.77 21.23
N SER A 409 6.99 8.80 22.56
CA SER A 409 6.24 9.81 23.35
C SER A 409 6.96 11.15 23.12
N ALA A 410 8.28 11.19 23.11
CA ALA A 410 8.99 12.48 22.84
C ALA A 410 8.57 13.07 21.47
N ALA A 411 8.58 12.26 20.43
CA ALA A 411 8.23 12.72 19.04
C ALA A 411 6.76 13.13 18.99
N ILE A 412 5.89 12.34 19.60
CA ILE A 412 4.44 12.67 19.62
C ILE A 412 4.20 14.02 20.32
N ASN A 413 4.86 14.29 21.45
CA ASN A 413 4.67 15.52 22.25
C ASN A 413 5.09 16.74 21.41
N GLN A 414 6.16 16.64 20.62
CA GLN A 414 6.59 17.66 19.63
C GLN A 414 5.48 17.90 18.60
N ALA A 415 4.88 16.85 18.02
CA ALA A 415 3.76 17.00 17.06
C ALA A 415 2.53 17.66 17.73
N LEU A 416 2.25 17.39 19.02
CA LEU A 416 1.05 17.95 19.71
C LEU A 416 1.29 19.39 20.15
N ARG A 417 2.54 19.80 20.40
CA ARG A 417 2.89 21.19 20.81
C ARG A 417 3.14 22.08 19.58
N HIS A 418 3.11 21.56 18.34
CA HIS A 418 2.95 22.33 17.06
C HIS A 418 4.02 21.83 16.08
N LYS B 3 -19.82 -12.62 -24.70
CA LYS B 3 -18.53 -13.41 -24.78
C LYS B 3 -17.39 -12.64 -24.07
N THR B 4 -16.90 -13.08 -22.91
CA THR B 4 -16.25 -12.17 -21.93
C THR B 4 -14.84 -12.64 -21.57
N LEU B 5 -13.94 -11.68 -21.33
CA LEU B 5 -12.61 -11.93 -20.75
C LEU B 5 -12.49 -11.15 -19.45
N GLU B 6 -11.86 -11.78 -18.48
CA GLU B 6 -11.42 -11.15 -17.23
C GLU B 6 -9.90 -10.99 -17.27
N VAL B 7 -9.40 -9.78 -17.04
CA VAL B 7 -7.94 -9.49 -16.95
C VAL B 7 -7.68 -8.85 -15.57
N TRP B 8 -6.66 -9.32 -14.86
CA TRP B 8 -6.11 -8.68 -13.65
C TRP B 8 -4.90 -7.81 -14.05
N ILE B 9 -4.90 -6.53 -13.67
CA ILE B 9 -3.73 -5.65 -13.90
C ILE B 9 -3.33 -5.03 -12.55
N MET B 10 -2.14 -4.45 -12.53
CA MET B 10 -1.60 -3.71 -11.38
C MET B 10 -1.77 -2.25 -11.71
N PRO B 11 -1.54 -1.32 -10.76
CA PRO B 11 -1.76 0.11 -11.06
C PRO B 11 -0.68 0.74 -11.92
N ASN B 12 -0.79 0.60 -13.25
CA ASN B 12 0.31 0.97 -14.14
C ASN B 12 0.16 2.42 -14.60
N SER B 13 -0.99 3.05 -14.40
CA SER B 13 -1.31 4.36 -15.00
C SER B 13 -2.08 5.16 -13.96
N PRO B 14 -2.23 6.48 -14.17
CA PRO B 14 -3.05 7.30 -13.28
C PRO B 14 -4.48 6.81 -13.06
N GLN B 15 -5.19 6.22 -14.03
CA GLN B 15 -6.58 5.74 -13.78
C GLN B 15 -6.65 4.30 -14.28
N PRO B 16 -6.14 3.33 -13.50
CA PRO B 16 -5.73 2.05 -14.09
C PRO B 16 -6.83 1.38 -14.91
N ALA B 17 -8.00 1.14 -14.32
CA ALA B 17 -9.11 0.44 -14.99
C ALA B 17 -9.58 1.24 -16.21
N GLU B 18 -9.85 2.53 -16.02
CA GLU B 18 -10.29 3.40 -17.14
C GLU B 18 -9.26 3.42 -18.26
N ASP B 19 -7.99 3.56 -17.95
CA ASP B 19 -6.97 3.61 -19.02
C ASP B 19 -6.95 2.26 -19.73
N PHE B 20 -7.05 1.16 -18.99
CA PHE B 20 -7.07 -0.19 -19.61
C PHE B 20 -8.30 -0.37 -20.53
N LYS B 21 -9.47 0.09 -20.06
CA LYS B 21 -10.74 -0.05 -20.79
C LYS B 21 -10.62 0.74 -22.11
N ALA B 22 -10.06 1.97 -22.07
CA ALA B 22 -9.83 2.75 -23.30
C ALA B 22 -8.84 1.99 -24.19
N LEU B 23 -7.77 1.39 -23.64
CA LEU B 23 -6.77 0.65 -24.47
C LEU B 23 -7.45 -0.49 -25.25
N VAL B 24 -8.42 -1.17 -24.64
CA VAL B 24 -8.96 -2.41 -25.26
C VAL B 24 -10.23 -2.08 -26.06
N ALA B 25 -10.79 -0.87 -25.97
CA ALA B 25 -12.09 -0.52 -26.61
C ALA B 25 -12.07 -0.88 -28.10
N PRO B 26 -10.98 -0.58 -28.89
CA PRO B 26 -10.88 -0.98 -30.30
C PRO B 26 -10.89 -2.49 -30.52
N PHE B 27 -10.35 -3.29 -29.60
CA PHE B 27 -10.41 -4.77 -29.65
C PHE B 27 -11.84 -5.22 -29.36
N GLU B 28 -12.51 -4.59 -28.39
CA GLU B 28 -13.88 -4.96 -28.02
C GLU B 28 -14.78 -4.73 -29.25
N LYS B 29 -14.55 -3.66 -30.00
CA LYS B 29 -15.43 -3.31 -31.14
C LYS B 29 -15.14 -4.22 -32.34
N ALA B 30 -13.89 -4.62 -32.57
CA ALA B 30 -13.48 -5.50 -33.70
C ALA B 30 -14.09 -6.92 -33.52
N HIS B 31 -14.15 -7.41 -32.28
CA HIS B 31 -14.47 -8.82 -31.95
C HIS B 31 -15.89 -8.94 -31.36
N GLY B 32 -16.56 -7.87 -30.94
CA GLY B 32 -17.84 -8.02 -30.21
C GLY B 32 -17.70 -8.68 -28.83
N VAL B 33 -16.72 -8.29 -28.06
CA VAL B 33 -16.40 -8.93 -26.75
C VAL B 33 -16.28 -7.82 -25.70
N GLU B 34 -16.69 -8.11 -24.47
CA GLU B 34 -16.37 -7.32 -23.26
C GLU B 34 -15.08 -7.84 -22.63
N VAL B 35 -14.14 -6.95 -22.40
CA VAL B 35 -12.97 -7.26 -21.55
C VAL B 35 -13.18 -6.54 -20.22
N LYS B 36 -13.43 -7.30 -19.18
CA LYS B 36 -13.58 -6.82 -17.82
C LYS B 36 -12.16 -6.75 -17.19
N VAL B 37 -11.89 -5.70 -16.45
CA VAL B 37 -10.55 -5.54 -15.84
C VAL B 37 -10.74 -5.40 -14.31
N THR B 38 -9.85 -5.98 -13.53
CA THR B 38 -9.76 -5.87 -12.07
C THR B 38 -8.36 -5.37 -11.73
N VAL B 39 -8.22 -4.34 -10.93
CA VAL B 39 -6.91 -3.78 -10.55
C VAL B 39 -6.52 -4.32 -9.17
N LEU B 40 -5.33 -4.88 -9.08
CA LEU B 40 -4.74 -5.43 -7.86
C LEU B 40 -3.52 -4.59 -7.55
N ASP B 41 -3.47 -4.03 -6.34
CA ASP B 41 -2.23 -3.36 -5.87
C ASP B 41 -1.06 -4.34 -5.90
N TRP B 42 0.14 -3.80 -6.13
CA TRP B 42 1.41 -4.59 -6.13
C TRP B 42 1.59 -5.32 -4.80
N GLY B 43 1.21 -4.74 -3.68
CA GLY B 43 1.45 -5.37 -2.37
C GLY B 43 0.63 -6.65 -2.20
N VAL B 44 -0.54 -6.76 -2.87
CA VAL B 44 -1.37 -7.99 -2.73
C VAL B 44 -1.31 -8.85 -3.99
N ALA B 45 -0.65 -8.40 -5.07
CA ALA B 45 -0.72 -9.10 -6.37
C ALA B 45 -0.09 -10.52 -6.30
N TRP B 46 0.99 -10.71 -5.52
CA TRP B 46 1.61 -12.03 -5.39
C TRP B 46 0.64 -12.96 -4.64
N THR B 47 -0.02 -12.50 -3.57
CA THR B 47 -0.97 -13.36 -2.82
C THR B 47 -2.09 -13.78 -3.76
N LYS B 48 -2.67 -12.83 -4.47
CA LYS B 48 -3.89 -13.05 -5.31
C LYS B 48 -3.54 -13.94 -6.49
N ILE B 49 -2.39 -13.72 -7.11
CA ILE B 49 -1.98 -14.54 -8.28
C ILE B 49 -1.67 -15.95 -7.80
N THR B 50 -0.97 -16.12 -6.68
CA THR B 50 -0.63 -17.50 -6.24
C THR B 50 -1.89 -18.25 -5.81
N THR B 51 -2.86 -17.55 -5.24
CA THR B 51 -4.11 -18.17 -4.79
C THR B 51 -4.88 -18.62 -6.04
N ALA B 52 -4.81 -17.86 -7.13
CA ALA B 52 -5.48 -18.29 -8.37
C ALA B 52 -4.81 -19.59 -8.87
N ALA B 53 -3.49 -19.57 -8.93
CA ALA B 53 -2.68 -20.73 -9.38
C ALA B 53 -3.04 -21.97 -8.56
N THR B 54 -3.00 -21.90 -7.23
CA THR B 54 -3.25 -23.09 -6.36
C THR B 54 -4.73 -23.48 -6.42
N SER B 55 -5.70 -22.55 -6.54
CA SER B 55 -7.16 -22.86 -6.44
C SER B 55 -7.73 -23.28 -7.80
N GLY B 56 -7.13 -22.93 -8.92
CA GLY B 56 -7.72 -23.23 -10.22
C GLY B 56 -8.85 -22.25 -10.56
N VAL B 57 -8.95 -21.14 -9.84
CA VAL B 57 -10.03 -20.14 -10.04
C VAL B 57 -9.42 -18.75 -10.16
N GLY B 58 -9.68 -18.03 -11.23
CA GLY B 58 -9.21 -16.62 -11.31
C GLY B 58 -9.52 -16.01 -12.64
N PRO B 59 -8.70 -15.08 -13.18
CA PRO B 59 -9.06 -14.39 -14.41
C PRO B 59 -8.68 -15.26 -15.61
N ASP B 60 -8.95 -14.78 -16.82
CA ASP B 60 -8.40 -15.42 -18.01
C ASP B 60 -6.92 -15.00 -18.10
N LEU B 61 -6.65 -13.70 -18.02
CA LEU B 61 -5.28 -13.12 -18.20
C LEU B 61 -4.88 -12.46 -16.88
N THR B 62 -3.62 -12.52 -16.58
CA THR B 62 -3.09 -11.67 -15.53
C THR B 62 -1.81 -11.02 -16.01
N GLN B 63 -1.70 -9.76 -15.67
CA GLN B 63 -0.40 -9.08 -15.59
C GLN B 63 0.47 -9.86 -14.59
N LEU B 64 1.70 -10.10 -15.00
CA LEU B 64 2.70 -10.83 -14.22
C LEU B 64 3.99 -10.00 -14.26
N GLY B 65 4.45 -9.54 -13.10
CA GLY B 65 5.73 -8.84 -13.09
C GLY B 65 6.79 -9.79 -13.61
N THR B 66 7.74 -9.27 -14.37
CA THR B 66 8.72 -10.13 -15.10
C THR B 66 9.44 -11.02 -14.11
N THR B 67 9.69 -10.56 -12.89
CA THR B 67 10.48 -11.33 -11.91
C THR B 67 9.66 -12.51 -11.34
N TRP B 68 8.36 -12.58 -11.62
CA TRP B 68 7.45 -13.63 -11.09
C TRP B 68 7.10 -14.66 -12.15
N VAL B 69 7.52 -14.46 -13.41
CA VAL B 69 7.04 -15.30 -14.53
C VAL B 69 7.50 -16.73 -14.28
N GLY B 70 8.75 -16.91 -13.89
CA GLY B 70 9.27 -18.25 -13.62
C GLY B 70 8.49 -18.91 -12.52
N ALA B 71 8.24 -18.19 -11.44
CA ALA B 71 7.63 -18.78 -10.23
C ALA B 71 6.21 -19.28 -10.52
N ILE B 72 5.44 -18.51 -11.27
CA ILE B 72 4.03 -18.92 -11.60
C ILE B 72 4.10 -20.04 -12.67
N SER B 73 5.01 -19.92 -13.61
CA SER B 73 5.22 -20.93 -14.67
C SER B 73 5.53 -22.26 -14.05
N ALA B 74 6.37 -22.29 -13.01
CA ALA B 74 6.79 -23.54 -12.37
C ALA B 74 5.58 -24.29 -11.79
N MET B 75 4.53 -23.59 -11.44
CA MET B 75 3.35 -24.25 -10.84
C MET B 75 2.54 -24.95 -11.92
N GLY B 76 2.95 -24.91 -13.18
CA GLY B 76 2.22 -25.59 -14.28
C GLY B 76 0.82 -25.04 -14.54
N VAL B 77 0.56 -23.75 -14.26
CA VAL B 77 -0.83 -23.22 -14.40
C VAL B 77 -0.95 -22.33 -15.64
N LEU B 78 0.14 -22.07 -16.38
CA LEU B 78 0.09 -21.09 -17.46
C LEU B 78 0.02 -21.83 -18.80
N GLU B 79 -0.84 -21.34 -19.68
CA GLU B 79 -1.00 -21.82 -21.06
C GLU B 79 0.22 -21.39 -21.86
N PRO B 80 0.85 -22.30 -22.62
CA PRO B 80 1.93 -21.93 -23.53
C PRO B 80 1.42 -20.89 -24.54
N VAL B 81 2.27 -19.93 -24.88
CA VAL B 81 1.91 -18.74 -25.68
C VAL B 81 3.01 -18.53 -26.72
N ASP B 82 3.79 -19.56 -27.07
CA ASP B 82 4.74 -19.52 -28.21
C ASP B 82 3.94 -19.12 -29.46
N ASP B 83 2.67 -19.57 -29.60
CA ASP B 83 1.88 -19.23 -30.82
C ASP B 83 1.67 -17.71 -30.88
N VAL B 84 1.29 -17.09 -29.76
CA VAL B 84 1.05 -15.61 -29.77
C VAL B 84 2.39 -14.92 -30.12
N LEU B 85 3.49 -15.40 -29.58
CA LEU B 85 4.80 -14.71 -29.71
C LEU B 85 5.22 -14.77 -31.20
N GLU B 86 5.04 -15.92 -31.83
CA GLU B 86 5.21 -16.12 -33.31
C GLU B 86 4.34 -15.14 -34.08
N ALA B 87 3.06 -15.04 -33.78
CA ALA B 87 2.10 -14.12 -34.46
C ALA B 87 2.60 -12.66 -34.38
N LEU B 88 3.41 -12.29 -33.37
CA LEU B 88 3.97 -10.93 -33.15
C LEU B 88 5.37 -10.80 -33.74
N GLY B 89 5.91 -11.82 -34.41
CA GLY B 89 7.23 -11.78 -35.07
C GLY B 89 8.28 -12.69 -34.44
N GLY B 90 7.96 -13.38 -33.36
CA GLY B 90 8.87 -14.35 -32.76
C GLY B 90 10.00 -13.70 -32.00
N GLU B 91 11.04 -14.45 -31.69
CA GLU B 91 12.18 -14.03 -30.83
C GLU B 91 12.78 -12.75 -31.41
N LYS B 92 12.78 -12.55 -32.72
CA LYS B 92 13.49 -11.39 -33.29
C LYS B 92 12.68 -10.12 -33.02
N ALA B 93 11.37 -10.23 -32.76
CA ALA B 93 10.51 -9.06 -32.51
C ALA B 93 10.78 -8.47 -31.12
N TYR B 94 11.71 -9.03 -30.34
CA TYR B 94 11.99 -8.60 -28.92
C TYR B 94 13.50 -8.55 -28.68
N LEU B 95 13.95 -7.51 -27.97
CA LEU B 95 15.21 -7.45 -27.18
C LEU B 95 15.40 -8.80 -26.52
N PRO B 96 16.61 -9.37 -26.56
CA PRO B 96 16.94 -10.56 -25.77
C PRO B 96 16.57 -10.51 -24.27
N ALA B 97 16.85 -9.41 -23.55
CA ALA B 97 16.50 -9.29 -22.10
C ALA B 97 14.98 -9.49 -21.91
N VAL B 98 14.16 -8.95 -22.80
CA VAL B 98 12.69 -9.09 -22.72
C VAL B 98 12.30 -10.54 -23.02
N TRP B 99 12.89 -11.14 -24.06
CA TRP B 99 12.67 -12.57 -24.45
C TRP B 99 12.90 -13.53 -23.29
N ARG B 100 13.88 -13.27 -22.43
CA ARG B 100 14.23 -14.07 -21.21
C ARG B 100 13.01 -14.17 -20.27
N THR B 101 12.27 -13.09 -20.17
CA THR B 101 11.14 -12.98 -19.19
C THR B 101 9.91 -13.75 -19.70
N THR B 102 9.91 -14.25 -20.93
CA THR B 102 8.74 -14.97 -21.49
C THR B 102 8.67 -16.41 -20.93
N ARG B 103 9.65 -16.84 -20.13
CA ARG B 103 9.68 -18.24 -19.66
C ARG B 103 10.40 -18.35 -18.31
N LEU B 104 10.12 -19.43 -17.60
CA LEU B 104 11.03 -19.96 -16.54
C LEU B 104 12.40 -20.25 -17.21
N GLU B 105 13.49 -19.86 -16.60
CA GLU B 105 14.85 -20.23 -17.10
C GLU B 105 14.91 -21.74 -17.36
N GLY B 106 15.35 -22.11 -18.55
CA GLY B 106 15.57 -23.51 -18.96
C GLY B 106 14.29 -24.18 -19.43
N ALA B 107 13.16 -23.47 -19.51
CA ALA B 107 11.88 -24.07 -19.96
C ALA B 107 11.81 -24.07 -21.49
N ARG B 108 11.18 -25.08 -22.08
CA ARG B 108 11.02 -25.20 -23.56
C ARG B 108 10.00 -24.16 -24.04
N GLN B 109 8.89 -23.97 -23.32
CA GLN B 109 7.75 -23.21 -23.86
C GLN B 109 7.65 -21.83 -23.19
N ALA B 110 7.30 -20.81 -23.97
CA ALA B 110 6.98 -19.46 -23.45
C ALA B 110 5.66 -19.55 -22.71
N THR B 111 5.54 -18.90 -21.55
CA THR B 111 4.34 -18.88 -20.74
C THR B 111 3.91 -17.46 -20.42
N ALA B 112 4.57 -16.44 -20.97
CA ALA B 112 4.11 -15.04 -20.80
C ALA B 112 4.46 -14.19 -22.01
N VAL B 113 3.61 -13.22 -22.32
CA VAL B 113 3.73 -12.26 -23.44
C VAL B 113 4.18 -10.92 -22.88
N PRO B 114 5.30 -10.38 -23.43
CA PRO B 114 5.84 -9.08 -23.01
C PRO B 114 4.80 -7.97 -23.19
N TRP B 115 4.57 -7.19 -22.13
CA TRP B 115 3.53 -6.12 -22.16
C TRP B 115 4.23 -4.78 -22.14
N PHE B 116 5.00 -4.50 -21.10
CA PHE B 116 5.83 -3.27 -21.02
C PHE B 116 7.11 -3.57 -20.22
N SER B 117 8.06 -2.68 -20.42
CA SER B 117 9.41 -2.66 -19.82
C SER B 117 9.51 -1.42 -18.95
N GLU B 118 10.36 -1.52 -17.93
CA GLU B 118 10.69 -0.37 -17.06
C GLU B 118 12.07 -0.61 -16.49
N LEU B 119 12.79 0.46 -16.21
CA LEU B 119 14.08 0.32 -15.51
C LEU B 119 14.27 1.55 -14.67
N ARG B 120 15.22 1.47 -13.74
CA ARG B 120 15.32 2.49 -12.71
C ARG B 120 16.45 3.47 -13.03
N ALA B 121 16.22 4.72 -12.61
CA ALA B 121 17.15 5.85 -12.70
C ALA B 121 16.77 6.76 -11.54
N PHE B 122 17.53 7.82 -11.36
CA PHE B 122 17.30 8.81 -10.30
C PHE B 122 16.62 10.05 -10.86
N TYR B 123 15.44 10.36 -10.33
CA TYR B 123 14.84 11.69 -10.46
C TYR B 123 15.54 12.60 -9.47
N TYR B 124 15.80 13.85 -9.87
CA TYR B 124 16.31 14.89 -8.94
C TYR B 124 15.65 16.23 -9.22
N ARG B 125 15.66 17.07 -8.21
CA ARG B 125 15.18 18.47 -8.27
C ARG B 125 16.31 19.29 -8.86
N THR B 126 16.15 19.73 -10.10
CA THR B 126 17.14 20.61 -10.78
C THR B 126 17.37 21.84 -9.90
N ASP B 127 16.30 22.40 -9.32
CA ASP B 127 16.40 23.63 -8.49
C ASP B 127 17.24 23.32 -7.23
N ALA B 128 17.05 22.16 -6.62
CA ALA B 128 17.70 21.83 -5.33
C ALA B 128 19.20 21.61 -5.57
N LEU B 129 19.58 20.89 -6.63
CA LEU B 129 21.00 20.62 -6.93
C LEU B 129 21.70 21.91 -7.36
N LYS B 130 21.06 22.72 -8.18
CA LYS B 130 21.64 24.05 -8.55
C LYS B 130 21.93 24.87 -7.28
N ALA B 131 20.96 25.04 -6.38
CA ALA B 131 21.14 25.81 -5.12
C ALA B 131 22.20 25.17 -4.23
N ALA B 132 22.40 23.85 -4.25
CA ALA B 132 23.42 23.21 -3.39
C ALA B 132 24.81 23.33 -4.04
N GLY B 133 24.89 23.78 -5.30
CA GLY B 133 26.14 23.74 -6.09
C GLY B 133 26.57 22.30 -6.46
N VAL B 134 25.63 21.42 -6.75
CA VAL B 134 25.95 20.02 -7.16
C VAL B 134 25.80 19.91 -8.67
N ASN B 135 26.84 19.43 -9.35
CA ASN B 135 26.74 19.08 -10.79
C ASN B 135 26.06 17.71 -10.90
N PRO B 136 24.86 17.63 -11.50
CA PRO B 136 24.20 16.33 -11.69
C PRO B 136 25.06 15.26 -12.35
N ALA B 137 25.72 15.58 -13.44
CA ALA B 137 26.51 14.59 -14.22
C ALA B 137 27.59 14.00 -13.32
N GLU B 138 28.19 14.79 -12.43
CA GLU B 138 29.22 14.31 -11.46
C GLU B 138 28.63 13.57 -10.27
N MET B 139 27.53 14.06 -9.72
CA MET B 139 26.84 13.36 -8.61
C MET B 139 26.45 11.93 -9.05
N PHE B 140 25.95 11.73 -10.28
CA PHE B 140 25.37 10.44 -10.67
C PHE B 140 26.37 9.64 -11.49
N ALA B 141 27.63 10.05 -11.56
CA ALA B 141 28.69 9.31 -12.27
C ALA B 141 29.27 8.17 -11.43
N SER B 142 29.45 8.35 -10.12
CA SER B 142 30.18 7.39 -9.25
C SER B 142 29.57 7.40 -7.85
N TRP B 143 29.93 6.43 -7.03
CA TRP B 143 29.46 6.34 -5.64
C TRP B 143 29.98 7.51 -4.83
N GLN B 144 31.26 7.83 -5.01
CA GLN B 144 31.90 8.95 -4.29
C GLN B 144 31.16 10.23 -4.70
N GLY B 145 30.85 10.41 -5.99
CA GLY B 145 30.11 11.59 -6.43
C GLY B 145 28.72 11.60 -5.79
N PHE B 146 28.09 10.45 -5.71
CA PHE B 146 26.69 10.35 -5.21
C PHE B 146 26.66 10.78 -3.74
N GLU B 147 27.57 10.24 -2.96
CA GLU B 147 27.67 10.59 -1.51
C GLU B 147 28.10 12.05 -1.34
N ALA B 148 29.05 12.53 -2.14
CA ALA B 148 29.49 13.95 -2.07
C ALA B 148 28.28 14.87 -2.34
N GLY B 149 27.48 14.58 -3.37
CA GLY B 149 26.30 15.37 -3.75
C GLY B 149 25.26 15.35 -2.63
N LEU B 150 25.00 14.21 -2.05
CA LEU B 150 24.02 14.12 -0.92
C LEU B 150 24.53 14.96 0.25
N ALA B 151 25.84 14.95 0.51
CA ALA B 151 26.42 15.77 1.62
C ALA B 151 26.17 17.27 1.34
N ARG B 152 26.33 17.72 0.10
CA ARG B 152 26.12 19.13 -0.28
C ARG B 152 24.64 19.39 -0.12
N LEU B 153 23.76 18.46 -0.54
CA LEU B 153 22.29 18.64 -0.44
C LEU B 153 21.89 18.73 1.03
N LYS B 154 22.52 17.95 1.90
CA LYS B 154 22.24 17.99 3.37
C LYS B 154 22.61 19.38 3.90
N ALA B 155 23.76 19.93 3.53
CA ALA B 155 24.31 21.22 4.06
C ALA B 155 23.55 22.39 3.45
N SER B 156 22.88 22.23 2.31
CA SER B 156 22.27 23.35 1.55
C SER B 156 21.29 24.08 2.46
N SER B 157 21.11 25.38 2.26
CA SER B 157 20.06 26.18 2.91
C SER B 157 18.80 26.24 2.03
N PHE B 158 18.76 25.52 0.90
CA PHE B 158 17.63 25.59 -0.06
C PHE B 158 16.35 25.13 0.66
N ARG B 159 15.24 25.78 0.37
CA ARG B 159 13.93 25.39 0.94
C ARG B 159 12.95 25.28 -0.22
N ASP B 160 12.05 24.30 -0.22
CA ASP B 160 11.03 24.17 -1.29
C ASP B 160 10.17 25.43 -1.27
N PRO B 161 9.93 26.09 -2.43
CA PRO B 161 9.14 27.32 -2.48
C PRO B 161 7.74 27.16 -1.89
N GLU B 162 7.08 26.02 -2.09
CA GLU B 162 5.69 25.80 -1.59
C GLU B 162 5.72 25.32 -0.13
N THR B 163 6.57 24.35 0.25
CA THR B 163 6.64 23.81 1.64
C THR B 163 7.34 24.82 2.56
N LYS B 164 8.22 25.69 2.04
CA LYS B 164 9.13 26.58 2.82
C LYS B 164 10.00 25.76 3.78
N ALA B 165 10.21 24.47 3.54
CA ALA B 165 11.04 23.58 4.38
C ALA B 165 12.19 23.03 3.55
N PRO B 166 13.28 22.55 4.21
CA PRO B 166 14.38 21.89 3.51
C PRO B 166 13.91 20.59 2.87
N LEU B 167 14.62 20.15 1.84
CA LEU B 167 14.40 18.82 1.19
C LEU B 167 15.30 17.79 1.86
N ALA B 168 14.80 16.58 2.10
CA ALA B 168 15.65 15.39 2.32
C ALA B 168 16.57 15.23 1.11
N PRO B 169 17.88 14.94 1.29
CA PRO B 169 18.72 14.67 0.14
C PRO B 169 18.20 13.50 -0.71
N LEU B 170 18.00 12.34 -0.07
CA LEU B 170 17.55 11.09 -0.73
C LEU B 170 16.36 10.51 0.03
N CYS B 171 15.27 10.22 -0.66
CA CYS B 171 14.16 9.40 -0.06
C CYS B 171 14.13 8.06 -0.77
N THR B 172 14.08 7.00 0.03
CA THR B 172 13.99 5.60 -0.40
C THR B 172 13.06 4.86 0.54
N PRO B 173 12.17 4.01 -0.01
CA PRO B 173 11.24 3.21 0.82
C PRO B 173 12.01 2.14 1.59
N GLY B 174 11.71 2.07 2.87
CA GLY B 174 12.35 1.09 3.77
C GLY B 174 11.46 -0.09 4.08
N LYS B 175 10.19 -0.04 3.69
CA LYS B 175 9.30 -1.14 4.06
C LYS B 175 8.26 -1.45 3.00
N ASN B 176 7.78 -2.68 3.11
CA ASN B 176 6.57 -3.22 2.45
C ASN B 176 6.75 -3.52 0.96
N SER B 177 7.14 -2.54 0.18
CA SER B 177 7.34 -2.74 -1.29
CA SER B 177 7.38 -2.67 -1.30
C SER B 177 8.51 -3.57 -1.89
N TRP B 178 8.15 -4.21 -3.00
CA TRP B 178 9.08 -5.05 -3.79
C TRP B 178 10.31 -4.21 -4.13
N ASP B 179 10.11 -2.90 -4.23
CA ASP B 179 11.16 -1.93 -4.56
C ASP B 179 12.19 -1.89 -3.42
N VAL B 180 11.88 -2.37 -2.22
CA VAL B 180 12.92 -2.45 -1.16
C VAL B 180 14.07 -3.32 -1.69
N LEU B 181 13.75 -4.41 -2.39
CA LEU B 181 14.80 -5.19 -3.09
C LEU B 181 15.30 -4.44 -4.36
N HIS B 182 14.42 -4.04 -5.26
CA HIS B 182 14.89 -3.53 -6.56
C HIS B 182 15.81 -2.29 -6.37
N ASN B 183 15.65 -1.56 -5.27
CA ASN B 183 16.41 -0.33 -4.98
C ASN B 183 17.77 -0.69 -4.37
N ALA B 184 17.89 -1.85 -3.72
CA ALA B 184 19.13 -2.33 -3.10
C ALA B 184 20.00 -2.99 -4.14
N ALA B 185 19.36 -3.65 -5.13
CA ALA B 185 20.08 -4.51 -6.09
C ALA B 185 21.21 -3.76 -6.81
N PRO B 186 21.08 -2.53 -7.33
CA PRO B 186 22.16 -1.90 -8.09
C PRO B 186 23.40 -1.67 -7.21
N TRP B 187 23.21 -1.40 -5.92
CA TRP B 187 24.33 -1.17 -4.97
C TRP B 187 25.01 -2.52 -4.76
N ILE B 188 24.25 -3.57 -4.49
CA ILE B 188 24.79 -4.94 -4.41
C ILE B 188 25.56 -5.30 -5.70
N TRP B 189 24.96 -5.07 -6.84
CA TRP B 189 25.55 -5.44 -8.14
C TRP B 189 26.80 -4.60 -8.44
N GLY B 190 26.72 -3.30 -8.16
CA GLY B 190 27.82 -2.36 -8.40
C GLY B 190 29.06 -2.72 -7.61
N ALA B 191 28.89 -3.42 -6.47
CA ALA B 191 30.02 -3.79 -5.57
C ALA B 191 30.60 -5.11 -6.05
N GLY B 192 29.97 -5.74 -7.05
CA GLY B 192 30.41 -7.05 -7.56
C GLY B 192 29.61 -8.18 -6.99
N GLY B 193 28.55 -7.87 -6.23
CA GLY B 193 27.71 -8.89 -5.59
C GLY B 193 26.52 -9.28 -6.44
N GLU B 194 25.63 -10.06 -5.84
CA GLU B 194 24.36 -10.50 -6.47
C GLU B 194 23.34 -10.90 -5.41
N ILE B 195 22.09 -11.05 -5.80
CA ILE B 195 21.04 -11.54 -4.87
C ILE B 195 21.21 -13.07 -4.72
N VAL B 196 21.40 -13.76 -5.84
CA VAL B 196 21.56 -15.25 -5.85
C VAL B 196 22.70 -15.63 -6.78
N ARG B 197 23.25 -16.82 -6.54
CA ARG B 197 24.28 -17.48 -7.37
C ARG B 197 24.02 -18.99 -7.45
N GLN B 198 24.45 -19.61 -8.53
CA GLN B 198 24.48 -21.08 -8.73
C GLN B 198 25.69 -21.66 -8.02
N ALA B 199 25.52 -22.46 -6.97
CA ALA B 199 26.64 -23.15 -6.25
C ALA B 199 26.16 -24.50 -5.74
N GLY B 200 27.01 -25.53 -5.79
CA GLY B 200 26.71 -26.89 -5.31
C GLY B 200 25.48 -27.45 -5.99
N GLY B 201 25.34 -27.25 -7.30
CA GLY B 201 24.21 -27.77 -8.09
C GLY B 201 22.93 -26.95 -7.94
N ARG B 202 22.83 -26.03 -6.95
CA ARG B 202 21.59 -25.27 -6.59
C ARG B 202 21.76 -23.76 -6.90
N TRP B 203 20.67 -22.99 -6.86
CA TRP B 203 20.77 -21.54 -6.64
C TRP B 203 20.74 -21.30 -5.14
N GLN B 204 21.53 -20.37 -4.63
CA GLN B 204 21.42 -19.90 -3.23
C GLN B 204 21.59 -18.38 -3.15
N SER B 205 21.27 -17.83 -1.99
CA SER B 205 21.50 -16.40 -1.68
C SER B 205 23.00 -16.09 -1.76
N ALA B 206 23.33 -14.94 -2.34
CA ALA B 206 24.66 -14.32 -2.31
C ALA B 206 24.60 -12.98 -1.56
N LEU B 207 23.54 -12.75 -0.78
CA LEU B 207 23.32 -11.47 -0.05
C LEU B 207 24.32 -11.36 1.10
N ASN B 208 24.93 -12.46 1.52
CA ASN B 208 25.94 -12.47 2.62
C ASN B 208 27.34 -12.68 2.04
N SER B 209 27.51 -12.55 0.73
CA SER B 209 28.84 -12.60 0.08
C SER B 209 29.58 -11.33 0.48
N PRO B 210 30.91 -11.30 0.55
CA PRO B 210 31.62 -10.07 0.88
C PRO B 210 31.24 -8.86 0.01
N GLU B 211 31.17 -9.02 -1.31
CA GLU B 211 30.83 -7.87 -2.20
C GLU B 211 29.37 -7.42 -2.03
N SER B 212 28.43 -8.33 -1.85
CA SER B 212 27.00 -8.01 -1.60
C SER B 212 26.90 -7.20 -0.31
N LEU B 213 27.65 -7.58 0.73
CA LEU B 213 27.60 -6.85 2.02
C LEU B 213 28.24 -5.45 1.86
N GLU B 214 29.30 -5.31 1.09
CA GLU B 214 29.90 -3.97 0.87
C GLU B 214 28.91 -3.05 0.13
N GLY B 215 28.29 -3.51 -0.95
CA GLY B 215 27.30 -2.72 -1.69
C GLY B 215 26.16 -2.32 -0.78
N LEU B 216 25.62 -3.28 -0.03
CA LEU B 216 24.43 -3.06 0.78
C LEU B 216 24.82 -2.10 1.90
N TYR B 217 25.96 -2.31 2.53
CA TYR B 217 26.38 -1.43 3.65
C TYR B 217 26.57 0.00 3.15
N PHE B 218 27.14 0.18 1.97
CA PHE B 218 27.29 1.56 1.41
C PHE B 218 25.93 2.26 1.31
N PHE B 219 24.96 1.59 0.69
CA PHE B 219 23.57 2.10 0.51
C PHE B 219 22.95 2.46 1.87
N LEU B 220 22.97 1.52 2.79
CA LEU B 220 22.38 1.71 4.16
C LEU B 220 23.10 2.85 4.87
N SER B 221 24.40 2.99 4.66
CA SER B 221 25.21 4.04 5.35
C SER B 221 24.79 5.42 4.86
N LEU B 222 24.14 5.53 3.72
CA LEU B 222 23.59 6.83 3.29
C LEU B 222 22.54 7.29 4.30
N ALA B 223 21.71 6.41 4.81
CA ALA B 223 20.72 6.73 5.87
C ALA B 223 21.44 6.95 7.20
N GLN B 224 22.42 6.12 7.55
CA GLN B 224 23.19 6.35 8.82
C GLN B 224 23.80 7.76 8.82
N LYS B 225 24.16 8.33 7.66
CA LYS B 225 24.86 9.63 7.63
C LYS B 225 23.85 10.79 7.59
N GLY B 226 22.54 10.55 7.69
CA GLY B 226 21.52 11.61 7.71
C GLY B 226 21.15 12.08 6.30
N TYR B 227 21.43 11.32 5.25
CA TYR B 227 21.07 11.72 3.86
C TYR B 227 19.66 11.26 3.52
N VAL B 228 19.20 10.20 4.19
CA VAL B 228 17.81 9.69 4.12
C VAL B 228 17.19 10.00 5.47
N PRO B 229 16.03 10.68 5.55
CA PRO B 229 15.40 10.93 6.84
C PRO B 229 14.90 9.60 7.46
N ALA B 230 14.98 9.42 8.78
CA ALA B 230 14.47 8.23 9.51
C ALA B 230 13.03 7.87 9.07
N GLU B 231 12.14 8.85 8.90
CA GLU B 231 10.73 8.68 8.46
C GLU B 231 10.66 7.85 7.15
N SER B 232 11.56 8.06 6.20
CA SER B 232 11.59 7.36 4.89
C SER B 232 11.68 5.85 5.10
N LEU B 233 12.44 5.46 6.14
CA LEU B 233 12.84 4.07 6.39
C LEU B 233 11.60 3.28 6.81
N GLU B 234 10.48 3.94 7.10
CA GLU B 234 9.24 3.23 7.49
C GLU B 234 8.21 3.32 6.35
N LYS B 235 8.55 3.90 5.20
CA LYS B 235 7.57 4.18 4.14
C LYS B 235 7.72 3.22 2.95
N ASN B 236 6.69 3.13 2.14
CA ASN B 236 6.63 2.26 0.94
C ASN B 236 6.77 3.09 -0.32
N THR B 237 6.76 2.45 -1.49
CA THR B 237 7.04 3.14 -2.76
C THR B 237 6.09 4.32 -2.98
N ALA B 238 4.77 4.13 -2.82
CA ALA B 238 3.78 5.18 -3.14
C ALA B 238 4.01 6.38 -2.21
N GLN B 239 4.27 6.13 -0.93
CA GLN B 239 4.53 7.18 0.07
C GLN B 239 5.76 8.02 -0.33
N ILE B 240 6.84 7.38 -0.80
CA ILE B 240 8.08 8.08 -1.25
C ILE B 240 7.73 8.86 -2.50
N GLU B 241 6.97 8.27 -3.44
CA GLU B 241 6.61 9.01 -4.67
C GLU B 241 5.82 10.24 -4.20
N ALA B 242 4.88 10.08 -3.24
CA ALA B 242 4.05 11.23 -2.81
C ALA B 242 4.92 12.29 -2.16
N ASP B 243 5.95 11.88 -1.41
CA ASP B 243 6.90 12.77 -0.71
C ASP B 243 7.71 13.55 -1.76
N PHE B 244 8.16 12.90 -2.82
CA PHE B 244 8.85 13.65 -3.89
C PHE B 244 7.88 14.65 -4.55
N GLN B 245 6.67 14.20 -4.95
CA GLN B 245 5.69 15.09 -5.65
C GLN B 245 5.39 16.31 -4.77
N ALA B 246 5.32 16.13 -3.46
CA ALA B 246 4.95 17.17 -2.49
C ALA B 246 6.11 18.11 -2.23
N GLY B 247 7.29 17.83 -2.81
CA GLY B 247 8.48 18.68 -2.72
C GLY B 247 9.32 18.43 -1.48
N LYS B 248 9.35 17.22 -0.92
CA LYS B 248 10.08 16.92 0.34
C LYS B 248 11.42 16.21 0.10
N CYS B 249 11.73 15.79 -1.15
CA CYS B 249 12.91 14.92 -1.47
C CYS B 249 13.66 15.58 -2.63
N ALA B 250 14.97 15.72 -2.54
CA ALA B 250 15.77 16.25 -3.66
C ALA B 250 15.97 15.14 -4.69
N VAL B 251 16.16 13.91 -4.22
CA VAL B 251 16.52 12.77 -5.08
C VAL B 251 15.67 11.54 -4.69
N PHE B 252 15.25 10.75 -5.68
CA PHE B 252 14.70 9.39 -5.43
C PHE B 252 14.78 8.55 -6.70
N ALA B 253 14.86 7.26 -6.48
CA ALA B 253 14.92 6.24 -7.54
C ALA B 253 13.51 5.81 -7.94
N SER B 254 13.27 5.84 -9.26
CA SER B 254 11.99 5.35 -9.81
C SER B 254 12.14 5.00 -11.29
N GLY B 255 11.02 4.57 -11.87
CA GLY B 255 10.92 4.13 -13.26
C GLY B 255 10.42 5.25 -14.13
N PRO B 256 10.32 5.01 -15.44
CA PRO B 256 9.93 6.05 -16.38
C PRO B 256 8.49 6.54 -16.25
N TRP B 257 7.67 5.84 -15.48
CA TRP B 257 6.24 6.24 -15.33
C TRP B 257 6.13 7.66 -14.70
N MET B 258 7.07 8.09 -13.86
CA MET B 258 6.94 9.40 -13.16
C MET B 258 6.98 10.58 -14.15
N ILE B 259 7.70 10.42 -15.28
CA ILE B 259 7.75 11.43 -16.37
C ILE B 259 6.30 11.69 -16.82
N GLN B 260 5.53 10.63 -17.08
CA GLN B 260 4.09 10.73 -17.46
C GLN B 260 3.30 11.35 -16.31
N ARG B 261 3.48 10.91 -15.07
CA ARG B 261 2.77 11.52 -13.90
C ARG B 261 3.09 13.03 -13.85
N ALA B 262 4.35 13.42 -14.09
CA ALA B 262 4.80 14.82 -14.02
C ALA B 262 4.10 15.68 -15.08
N GLN B 263 3.59 15.14 -16.18
CA GLN B 263 3.01 16.03 -17.25
C GLN B 263 1.48 15.88 -17.28
N VAL B 264 0.85 15.64 -16.13
CA VAL B 264 -0.63 15.44 -16.08
C VAL B 264 -1.13 16.13 -14.82
N PRO B 265 -2.27 16.88 -14.84
CA PRO B 265 -2.79 17.53 -13.63
C PRO B 265 -3.22 16.54 -12.56
N GLU B 266 -3.38 16.98 -11.31
CA GLU B 266 -4.10 16.14 -10.31
C GLU B 266 -5.56 16.09 -10.69
N GLY B 270 -1.83 13.00 -11.99
CA GLY B 270 -0.42 13.42 -11.96
C GLY B 270 -0.10 14.54 -10.96
N PHE B 271 1.00 15.28 -11.20
CA PHE B 271 1.54 16.35 -10.32
C PHE B 271 2.11 17.52 -11.13
N ALA B 272 1.64 17.73 -12.36
CA ALA B 272 2.09 18.84 -13.24
C ALA B 272 2.11 20.20 -12.51
N GLU B 273 1.17 20.45 -11.58
CA GLU B 273 1.01 21.79 -10.93
C GLU B 273 2.13 22.00 -9.90
N ARG B 274 2.87 20.94 -9.53
CA ARG B 274 3.82 20.99 -8.39
C ARG B 274 5.19 21.50 -8.84
N THR B 275 5.91 22.15 -7.92
CA THR B 275 7.31 22.61 -8.11
C THR B 275 8.21 21.46 -8.58
N ALA B 276 8.07 20.24 -8.04
CA ALA B 276 8.89 19.07 -8.44
C ALA B 276 8.74 18.77 -9.93
N ALA B 277 7.55 18.89 -10.49
CA ALA B 277 7.31 18.57 -11.92
C ALA B 277 8.00 19.62 -12.80
N LYS B 278 8.03 20.89 -12.35
CA LYS B 278 8.56 22.05 -13.10
C LYS B 278 10.09 22.11 -12.98
N ASN B 279 10.70 21.26 -12.15
CA ASN B 279 12.15 21.27 -11.84
C ASN B 279 12.68 19.84 -11.80
N LEU B 280 12.38 19.06 -12.84
CA LEU B 280 12.57 17.59 -12.81
C LEU B 280 13.73 17.21 -13.71
N GLY B 281 14.74 16.57 -13.14
CA GLY B 281 15.80 15.92 -13.92
C GLY B 281 15.79 14.43 -13.68
N VAL B 282 16.41 13.69 -14.59
CA VAL B 282 16.69 12.24 -14.49
C VAL B 282 18.19 12.03 -14.75
N ALA B 283 18.84 11.17 -13.96
CA ALA B 283 20.24 10.77 -14.21
C ALA B 283 20.32 9.27 -14.03
N PRO B 284 21.18 8.55 -14.78
CA PRO B 284 21.32 7.09 -14.60
C PRO B 284 21.94 6.79 -13.23
N TYR B 285 21.84 5.52 -12.81
CA TYR B 285 22.58 4.99 -11.65
C TYR B 285 24.09 5.22 -11.86
N PRO B 286 24.82 5.58 -10.78
CA PRO B 286 26.26 5.78 -10.83
C PRO B 286 26.98 4.45 -11.07
N ALA B 287 28.17 4.46 -11.66
CA ALA B 287 29.08 3.29 -11.63
C ALA B 287 29.46 3.01 -10.18
N GLY B 288 29.48 1.74 -9.80
CA GLY B 288 30.12 1.36 -8.53
C GLY B 288 31.55 0.90 -8.78
N PRO B 289 32.26 0.39 -7.74
CA PRO B 289 33.60 -0.15 -7.89
C PRO B 289 33.77 -1.22 -8.95
N LYS B 290 32.79 -2.09 -9.14
CA LYS B 290 33.00 -3.29 -9.97
C LYS B 290 32.11 -3.28 -11.20
N GLY B 291 31.28 -2.26 -11.37
CA GLY B 291 30.29 -2.35 -12.45
C GLY B 291 29.21 -1.32 -12.32
N ARG B 292 28.49 -1.13 -13.39
CA ARG B 292 27.43 -0.11 -13.41
C ARG B 292 26.13 -0.80 -13.76
N TYR B 293 25.15 -0.75 -12.89
CA TYR B 293 23.92 -1.58 -13.03
C TYR B 293 22.71 -0.78 -12.54
N THR B 294 21.58 -1.02 -13.18
CA THR B 294 20.26 -0.62 -12.67
C THR B 294 19.31 -1.80 -12.77
N PHE B 295 18.25 -1.81 -11.95
CA PHE B 295 17.17 -2.81 -12.09
C PHE B 295 16.44 -2.59 -13.43
N PHE B 296 16.33 -3.63 -14.22
CA PHE B 296 15.50 -3.70 -15.45
C PHE B 296 14.39 -4.74 -15.21
N GLY B 297 13.16 -4.32 -15.40
CA GLY B 297 12.00 -5.22 -15.30
C GLY B 297 10.86 -4.81 -16.23
N GLY B 298 9.65 -4.84 -15.71
CA GLY B 298 8.44 -4.70 -16.52
C GLY B 298 7.44 -5.78 -16.13
N SER B 299 6.46 -5.95 -16.98
CA SER B 299 5.32 -6.86 -16.75
C SER B 299 4.97 -7.50 -18.07
N ASN B 300 4.56 -8.76 -17.96
CA ASN B 300 4.10 -9.60 -19.09
C ASN B 300 2.63 -9.91 -18.79
N LEU B 301 2.01 -10.56 -19.76
CA LEU B 301 0.63 -11.03 -19.64
C LEU B 301 0.69 -12.56 -19.75
N ALA B 302 -0.03 -13.25 -18.89
CA ALA B 302 -0.05 -14.74 -18.87
C ALA B 302 -1.50 -15.19 -18.90
N LEU B 303 -1.71 -16.38 -19.48
CA LEU B 303 -3.06 -16.98 -19.66
C LEU B 303 -3.10 -18.21 -18.75
N PHE B 304 -4.01 -18.25 -17.81
CA PHE B 304 -4.21 -19.44 -16.98
C PHE B 304 -4.78 -20.56 -17.83
N ASN B 305 -4.21 -21.77 -17.67
CA ASN B 305 -4.61 -22.95 -18.47
C ASN B 305 -6.01 -23.41 -18.05
N PHE B 306 -6.60 -22.86 -16.98
CA PHE B 306 -8.02 -23.13 -16.63
C PHE B 306 -8.96 -22.12 -17.30
N SER B 307 -8.47 -21.18 -18.10
CA SER B 307 -9.37 -20.23 -18.82
C SER B 307 -10.34 -21.04 -19.72
N LYS B 308 -11.60 -20.62 -19.77
CA LYS B 308 -12.67 -21.20 -20.64
C LYS B 308 -12.66 -20.50 -21.98
N ASN B 309 -11.78 -19.54 -22.19
CA ASN B 309 -11.84 -18.66 -23.38
C ASN B 309 -10.44 -18.52 -23.94
N LYS B 310 -9.72 -19.62 -24.12
CA LYS B 310 -8.27 -19.51 -24.49
C LYS B 310 -8.10 -18.89 -25.87
N PRO B 311 -8.88 -19.28 -26.91
CA PRO B 311 -8.71 -18.66 -28.22
C PRO B 311 -8.91 -17.13 -28.22
N LEU B 312 -9.97 -16.67 -27.58
CA LEU B 312 -10.21 -15.22 -27.45
C LEU B 312 -9.10 -14.55 -26.60
N ALA B 313 -8.72 -15.13 -25.47
CA ALA B 313 -7.62 -14.60 -24.62
C ALA B 313 -6.33 -14.45 -25.45
N LYS B 314 -6.03 -15.41 -26.33
CA LYS B 314 -4.79 -15.33 -27.14
C LYS B 314 -4.88 -14.15 -28.14
N GLU B 315 -6.08 -13.92 -28.66
CA GLU B 315 -6.34 -12.76 -29.55
C GLU B 315 -6.15 -11.46 -28.76
N LEU B 316 -6.55 -11.44 -27.49
CA LEU B 316 -6.27 -10.23 -26.66
C LEU B 316 -4.75 -10.14 -26.45
N LEU B 317 -4.07 -11.23 -26.17
CA LEU B 317 -2.59 -11.14 -25.97
C LEU B 317 -1.89 -10.62 -27.24
N LYS B 318 -2.28 -11.09 -28.43
CA LYS B 318 -1.66 -10.63 -29.68
C LYS B 318 -1.93 -9.12 -29.82
N TYR B 319 -3.15 -8.70 -29.51
CA TYR B 319 -3.52 -7.26 -29.57
C TYR B 319 -2.65 -6.49 -28.57
N LEU B 320 -2.59 -6.94 -27.30
CA LEU B 320 -1.88 -6.11 -26.29
C LEU B 320 -0.36 -6.07 -26.56
N GLY B 321 0.18 -7.15 -27.10
CA GLY B 321 1.62 -7.25 -27.38
C GLY B 321 1.97 -6.65 -28.73
N GLY B 322 0.97 -6.20 -29.49
CA GLY B 322 1.09 -5.71 -30.87
C GLY B 322 1.45 -4.24 -30.96
N PRO B 323 1.91 -3.77 -32.14
CA PRO B 323 2.51 -2.44 -32.25
C PRO B 323 1.60 -1.29 -31.76
N GLU B 324 0.33 -1.31 -32.14
CA GLU B 324 -0.58 -0.17 -31.88
C GLU B 324 -0.80 -0.06 -30.36
N ALA B 325 -1.24 -1.16 -29.73
CA ALA B 325 -1.56 -1.19 -28.30
C ALA B 325 -0.27 -0.98 -27.50
N GLN B 326 0.88 -1.41 -28.03
CA GLN B 326 2.20 -1.28 -27.36
C GLN B 326 2.50 0.20 -27.19
N VAL B 327 2.35 0.96 -28.27
CA VAL B 327 2.60 2.42 -28.25
C VAL B 327 1.56 3.08 -27.35
N ARG B 328 0.29 2.77 -27.53
CA ARG B 328 -0.77 3.52 -26.81
C ARG B 328 -0.64 3.26 -25.30
N TYR B 329 -0.39 2.05 -24.87
CA TYR B 329 -0.32 1.77 -23.41
C TYR B 329 0.93 2.42 -22.81
N ALA B 330 2.04 2.43 -23.55
CA ALA B 330 3.29 3.10 -23.09
C ALA B 330 3.01 4.59 -22.95
N GLN B 331 2.28 5.19 -23.87
CA GLN B 331 1.91 6.63 -23.78
C GLN B 331 1.03 6.87 -22.55
N MET B 332 0.06 5.99 -22.26
CA MET B 332 -0.88 6.21 -21.13
C MET B 332 -0.18 5.96 -19.78
N THR B 333 0.77 5.03 -19.72
CA THR B 333 1.34 4.57 -18.43
C THR B 333 2.65 5.30 -18.16
N GLY B 334 3.35 5.67 -19.22
CA GLY B 334 4.74 6.18 -19.17
C GLY B 334 5.77 5.06 -19.03
N MET B 335 5.35 3.82 -19.19
CA MET B 335 6.28 2.68 -19.28
C MET B 335 6.88 2.68 -20.69
N LEU B 336 7.84 1.77 -20.94
CA LEU B 336 8.45 1.54 -22.26
C LEU B 336 7.75 0.33 -22.86
N PRO B 337 7.52 0.37 -24.19
CA PRO B 337 6.99 -0.78 -24.88
C PRO B 337 7.95 -1.95 -24.71
N ALA B 338 7.37 -3.15 -24.65
CA ALA B 338 8.08 -4.40 -24.50
C ALA B 338 8.55 -4.81 -25.90
N LEU B 339 7.77 -4.47 -26.93
CA LEU B 339 8.05 -4.88 -28.33
C LEU B 339 9.22 -4.04 -28.87
N ARG B 340 10.28 -4.72 -29.35
CA ARG B 340 11.58 -4.13 -29.85
C ARG B 340 11.28 -2.91 -30.70
N SER B 341 10.46 -3.13 -31.73
CA SER B 341 10.02 -2.12 -32.71
C SER B 341 9.81 -0.74 -32.09
N ALA B 342 9.05 -0.74 -31.00
CA ALA B 342 8.34 0.45 -30.49
C ALA B 342 9.33 1.33 -29.71
N TRP B 343 10.57 0.91 -29.41
CA TRP B 343 11.59 1.80 -28.75
C TRP B 343 11.98 2.98 -29.65
N SER B 344 11.93 2.75 -30.97
CA SER B 344 12.32 3.71 -32.03
C SER B 344 11.17 4.66 -32.39
N ASP B 345 9.91 4.37 -32.01
CA ASP B 345 8.77 5.28 -32.33
C ASP B 345 9.14 6.71 -31.92
N PRO B 346 8.92 7.74 -32.81
CA PRO B 346 9.30 9.12 -32.50
C PRO B 346 8.73 9.71 -31.19
N SER B 347 7.51 9.29 -30.78
CA SER B 347 6.85 9.75 -29.52
C SER B 347 7.79 9.55 -28.30
N PHE B 348 8.58 8.47 -28.29
CA PHE B 348 9.51 8.08 -27.19
C PHE B 348 10.88 8.78 -27.36
N GLN B 349 11.36 8.82 -28.60
CA GLN B 349 12.62 9.49 -29.01
C GLN B 349 12.62 10.98 -28.64
N GLN B 350 11.46 11.64 -28.73
CA GLN B 350 11.33 13.12 -28.69
C GLN B 350 11.54 13.58 -27.25
N ASN B 351 11.28 12.71 -26.28
CA ASN B 351 11.11 13.06 -24.85
C ASN B 351 12.47 12.91 -24.17
N PRO B 352 13.11 14.01 -23.77
CA PRO B 352 14.49 13.99 -23.29
C PRO B 352 14.67 13.21 -21.98
N LEU B 353 13.77 13.36 -20.99
CA LEU B 353 13.86 12.53 -19.77
C LEU B 353 13.71 11.04 -20.09
N LEU B 354 12.86 10.72 -21.07
CA LEU B 354 12.64 9.31 -21.42
C LEU B 354 13.88 8.76 -22.15
N ARG B 355 14.53 9.57 -23.00
CA ARG B 355 15.77 9.19 -23.76
C ARG B 355 16.80 8.76 -22.72
N THR B 356 16.84 9.43 -21.57
CA THR B 356 17.77 9.06 -20.47
C THR B 356 17.49 7.61 -20.04
N PHE B 357 16.19 7.26 -19.84
CA PHE B 357 15.83 5.87 -19.47
C PHE B 357 16.22 4.89 -20.54
N ILE B 358 15.88 5.20 -21.79
CA ILE B 358 16.08 4.25 -22.92
C ILE B 358 17.59 3.96 -23.01
N GLN B 359 18.42 4.99 -22.92
CA GLN B 359 19.88 4.82 -23.13
C GLN B 359 20.46 4.16 -21.86
N ALA B 360 19.87 4.35 -20.68
CA ALA B 360 20.33 3.72 -19.42
C ALA B 360 20.09 2.19 -19.47
N ALA B 361 19.25 1.70 -20.38
CA ALA B 361 18.97 0.25 -20.60
C ALA B 361 20.28 -0.54 -20.76
N GLN B 362 21.30 0.11 -21.30
CA GLN B 362 22.62 -0.51 -21.45
C GLN B 362 23.06 -1.19 -20.13
N PHE B 363 22.77 -0.58 -18.97
CA PHE B 363 23.25 -1.08 -17.66
C PHE B 363 22.18 -1.90 -16.92
N GLY B 364 21.09 -2.18 -17.63
CA GLY B 364 19.92 -2.91 -17.08
C GLY B 364 20.32 -4.32 -16.65
N ARG B 365 19.96 -4.73 -15.45
CA ARG B 365 20.17 -6.13 -15.04
C ARG B 365 18.91 -6.64 -14.34
N THR B 366 18.61 -7.93 -14.46
CA THR B 366 17.47 -8.47 -13.68
C THR B 366 17.91 -9.76 -13.04
N TYR B 367 17.01 -10.29 -12.22
CA TYR B 367 17.20 -11.53 -11.43
C TYR B 367 17.02 -12.68 -12.38
N PRO B 368 17.71 -13.82 -12.19
CA PRO B 368 17.41 -15.01 -12.98
C PRO B 368 15.94 -15.40 -12.69
N SER B 369 15.31 -15.96 -13.71
CA SER B 369 13.87 -16.33 -13.75
C SER B 369 13.67 -17.66 -13.06
N LEU B 370 13.71 -17.71 -11.73
CA LEU B 370 13.69 -18.96 -10.94
C LEU B 370 12.29 -19.26 -10.40
N ALA B 371 11.99 -20.55 -10.22
CA ALA B 371 10.85 -21.00 -9.41
C ALA B 371 11.04 -20.44 -7.97
N GLY B 372 9.99 -20.05 -7.28
CA GLY B 372 10.23 -19.62 -5.88
C GLY B 372 10.70 -18.16 -5.77
N TRP B 373 10.77 -17.43 -6.89
CA TRP B 373 11.30 -16.04 -6.87
C TRP B 373 10.34 -15.14 -6.10
N GLY B 374 9.05 -15.41 -6.16
CA GLY B 374 8.05 -14.65 -5.38
C GLY B 374 8.39 -14.73 -3.90
N GLY B 375 8.79 -15.90 -3.44
CA GLY B 375 9.15 -16.12 -2.03
C GLY B 375 10.44 -15.45 -1.68
N VAL B 376 11.42 -15.51 -2.57
CA VAL B 376 12.72 -14.81 -2.42
C VAL B 376 12.44 -13.30 -2.26
N GLU B 377 11.59 -12.71 -3.09
CA GLU B 377 11.26 -11.27 -2.99
C GLU B 377 10.57 -10.96 -1.66
N ASN B 378 9.62 -11.78 -1.20
CA ASN B 378 8.98 -11.52 0.12
C ASN B 378 10.06 -11.50 1.21
N LEU B 379 10.90 -12.52 1.22
CA LEU B 379 11.90 -12.71 2.26
C LEU B 379 12.95 -11.60 2.15
N ALA B 380 13.31 -11.18 0.94
CA ALA B 380 14.34 -10.14 0.74
C ALA B 380 13.81 -8.82 1.28
N VAL B 381 12.56 -8.49 0.94
CA VAL B 381 11.89 -7.23 1.36
C VAL B 381 11.87 -7.23 2.89
N GLN B 382 11.52 -8.35 3.50
CA GLN B 382 11.40 -8.45 4.98
C GLN B 382 12.77 -8.23 5.63
N HIS B 383 13.80 -8.91 5.15
CA HIS B 383 15.14 -8.88 5.78
C HIS B 383 15.82 -7.53 5.51
N LEU B 384 15.66 -6.99 4.31
CA LEU B 384 16.23 -5.65 3.99
C LEU B 384 15.53 -4.58 4.82
N GLY B 385 14.22 -4.71 4.99
CA GLY B 385 13.41 -3.88 5.88
C GLY B 385 14.02 -3.83 7.28
N MET B 386 14.53 -4.96 7.79
CA MET B 386 15.19 -5.02 9.13
C MET B 386 16.61 -4.44 9.04
N ALA B 387 17.22 -4.47 7.86
CA ALA B 387 18.53 -3.80 7.70
C ALA B 387 18.32 -2.30 7.88
N TRP B 388 17.24 -1.76 7.28
CA TRP B 388 16.91 -0.33 7.39
C TRP B 388 16.61 -0.02 8.86
N ASP B 389 15.99 -0.97 9.58
CA ASP B 389 15.75 -0.79 11.03
C ASP B 389 17.08 -0.69 11.81
N LEU B 390 18.14 -1.37 11.43
CA LEU B 390 19.42 -1.26 12.15
C LEU B 390 19.83 0.22 12.12
N VAL B 391 19.54 0.91 11.02
CA VAL B 391 19.94 2.33 10.83
C VAL B 391 19.05 3.18 11.74
N ALA B 392 17.72 3.04 11.62
CA ALA B 392 16.75 3.77 12.45
C ALA B 392 17.10 3.56 13.95
N GLN B 393 17.51 2.37 14.37
CA GLN B 393 17.80 2.04 15.80
C GLN B 393 19.21 2.46 16.22
N GLY B 394 20.04 3.02 15.33
CA GLY B 394 21.45 3.36 15.59
C GLY B 394 22.33 2.14 15.88
N ARG B 395 22.00 0.96 15.33
CA ARG B 395 22.72 -0.34 15.54
C ARG B 395 23.36 -0.84 14.22
N LEU B 396 23.62 0.03 13.25
CA LEU B 396 24.25 -0.44 11.98
C LEU B 396 25.76 -0.56 12.19
N THR B 397 26.26 -1.78 12.08
CA THR B 397 27.67 -2.18 12.00
C THR B 397 27.82 -3.26 10.91
N ARG B 398 29.06 -3.50 10.49
CA ARG B 398 29.39 -4.51 9.45
C ARG B 398 28.95 -5.89 9.95
N GLU B 399 29.21 -6.18 11.24
CA GLU B 399 28.88 -7.47 11.88
C GLU B 399 27.35 -7.67 11.99
N ALA B 400 26.58 -6.66 12.42
CA ALA B 400 25.11 -6.76 12.55
C ALA B 400 24.52 -6.97 11.14
N LEU B 401 25.04 -6.26 10.11
CA LEU B 401 24.55 -6.49 8.73
C LEU B 401 24.87 -7.91 8.29
N LYS B 402 26.09 -8.38 8.53
CA LYS B 402 26.50 -9.74 8.14
C LYS B 402 25.56 -10.77 8.78
N ASP B 403 25.36 -10.67 10.09
CA ASP B 403 24.45 -11.57 10.86
C ASP B 403 23.07 -11.60 10.22
N LEU B 404 22.53 -10.43 9.90
CA LEU B 404 21.17 -10.30 9.33
C LEU B 404 21.10 -10.90 7.90
N MET B 405 22.10 -10.66 7.07
CA MET B 405 22.04 -11.21 5.69
C MET B 405 22.34 -12.74 5.71
N ASP B 406 23.08 -13.24 6.69
CA ASP B 406 23.19 -14.71 6.95
C ASP B 406 21.80 -15.29 7.24
N LYS B 407 21.03 -14.68 8.13
CA LYS B 407 19.64 -15.12 8.37
C LYS B 407 18.83 -15.00 7.07
N ALA B 408 19.00 -13.93 6.31
CA ALA B 408 18.23 -13.69 5.09
C ALA B 408 18.57 -14.82 4.14
N SER B 409 19.84 -15.20 4.10
CA SER B 409 20.34 -16.19 3.12
C SER B 409 19.76 -17.55 3.50
N ALA B 410 19.67 -17.89 4.78
CA ALA B 410 19.11 -19.20 5.22
C ALA B 410 17.64 -19.29 4.77
N ALA B 411 16.85 -18.23 5.00
CA ALA B 411 15.41 -18.18 4.65
C ALA B 411 15.28 -18.20 3.12
N ILE B 412 16.09 -17.44 2.40
CA ILE B 412 16.04 -17.41 0.91
C ILE B 412 16.33 -18.79 0.33
N ASN B 413 17.34 -19.50 0.86
CA ASN B 413 17.77 -20.85 0.36
C ASN B 413 16.62 -21.84 0.54
N GLN B 414 15.90 -21.78 1.68
CA GLN B 414 14.62 -22.50 1.91
C GLN B 414 13.57 -22.14 0.82
N ALA B 415 13.36 -20.86 0.51
CA ALA B 415 12.35 -20.41 -0.50
C ALA B 415 12.75 -20.88 -1.91
N LEU B 416 14.03 -21.09 -2.20
CA LEU B 416 14.44 -21.55 -3.55
C LEU B 416 14.19 -23.07 -3.71
N ARG B 417 14.27 -23.83 -2.63
CA ARG B 417 13.80 -25.24 -2.53
C ARG B 417 12.28 -25.39 -2.69
N HIS B 418 11.46 -24.64 -1.95
CA HIS B 418 9.98 -24.82 -1.80
C HIS B 418 9.31 -23.66 -1.00
N HIS B 419 7.97 -23.55 -1.02
CA HIS B 419 7.18 -22.37 -0.54
C HIS B 419 7.65 -21.91 0.84
C2 BGC C . -10.91 -2.62 -2.52
C3 BGC C . -10.65 -2.20 -1.04
C4 BGC C . -9.43 -2.87 -0.38
C5 BGC C . -8.62 -3.90 -1.18
C6 BGC C . -7.93 -4.95 -0.31
C1 BGC C . -9.76 -3.44 -3.10
O1 BGC C . -10.10 -3.92 -4.41
O2 BGC C . -11.10 -1.47 -3.38
O3 BGC C . -11.69 -2.48 -0.07
O4 BGC C . -8.62 -1.75 0.05
O5 BGC C . -9.46 -4.52 -2.18
O6 BGC C . -6.72 -5.32 -1.00
C2 BGC C . -7.50 -0.72 1.92
C3 BGC C . -7.52 -0.64 3.46
C4 BGC C . -8.92 -0.26 3.99
C5 BGC C . -10.01 -1.13 3.36
C6 BGC C . -11.41 -0.62 3.73
C1 BGC C . -8.65 -1.63 1.47
O2 BGC C . -6.27 -1.34 1.59
O3 BGC C . -6.44 0.22 3.87
O4 BGC C . -8.96 -0.56 5.42
O5 BGC C . -9.94 -1.18 1.90
O6 BGC C . -11.57 0.66 3.12
C2 BGC C . -7.81 1.42 6.38
C3 BGC C . -8.01 2.26 7.62
C4 BGC C . -9.37 2.93 7.59
C5 BGC C . -10.52 1.98 7.24
C6 BGC C . -11.84 2.76 7.17
C1 BGC C . -9.04 0.48 6.32
O2 BGC C . -6.56 0.70 6.41
O3 BGC C . -7.06 3.30 7.67
O4 BGC C . -9.64 3.43 8.91
O5 BGC C . -10.25 1.23 6.08
O6 BGC C . -11.86 3.54 6.03
C2 BGC C . -10.67 5.23 10.12
C3 BGC C . -10.56 6.72 10.47
C4 BGC C . -9.11 7.20 10.56
C5 BGC C . -8.33 6.69 9.37
C6 BGC C . -6.88 7.05 9.33
C1 BGC C . -9.72 4.83 8.98
O2 BGC C . -12.03 4.89 9.84
O3 BGC C . -11.31 6.99 11.65
O4 BGC C . -9.11 8.66 10.64
O5 BGC C . -8.38 5.24 9.25
O6 BGC C . -6.17 6.83 10.56
C2 BGC D . -1.87 5.71 -9.65
C3 BGC D . -0.93 4.53 -9.50
C4 BGC D . 0.18 4.79 -8.44
C5 BGC D . -0.26 5.60 -7.21
C6 BGC D . 0.87 6.21 -6.39
C1 BGC D . -2.25 6.27 -8.28
O1 BGC D . -3.12 7.39 -8.43
O2 BGC D . -3.08 5.29 -10.26
O3 BGC D . -0.42 4.15 -10.80
O4 BGC D . 0.54 3.51 -7.90
O5 BGC D . -1.09 6.69 -7.58
O6 BGC D . 0.29 6.61 -5.13
C2 BGC D . 2.25 2.04 -7.04
C3 BGC D . 3.72 1.72 -7.14
C4 BGC D . 4.16 1.46 -8.60
C5 BGC D . 3.78 2.67 -9.45
C6 BGC D . 3.96 2.47 -10.95
C1 BGC D . 1.96 3.25 -7.92
O2 BGC D . 1.98 2.24 -5.64
O3 BGC D . 3.96 0.62 -6.28
O4 BGC D . 5.57 1.37 -8.48
O5 BGC D . 2.39 3.04 -9.27
O6 BGC D . 3.01 1.54 -11.40
C2 BGC D . 6.03 -0.94 -8.08
C3 BGC D . 7.01 -2.03 -8.50
C4 BGC D . 6.83 -2.35 -10.01
C5 BGC D . 6.79 -1.08 -10.84
C6 BGC D . 6.46 -1.25 -12.34
C1 BGC D . 6.27 0.24 -8.96
O2 BGC D . 6.25 -0.64 -6.71
O3 BGC D . 6.69 -3.10 -7.65
O4 BGC D . 7.98 -3.12 -10.43
O5 BGC D . 5.90 -0.10 -10.29
O6 BGC D . 5.20 -1.90 -12.60
C2 BGC D . 8.89 -4.80 -11.78
C3 BGC D . 8.76 -6.29 -12.07
C4 BGC D . 8.74 -7.15 -10.82
C5 BGC D . 7.64 -6.64 -9.89
C6 BGC D . 7.56 -7.32 -8.52
C1 BGC D . 7.79 -4.44 -10.79
O2 BGC D . 8.71 -4.07 -12.98
O3 BGC D . 9.78 -6.67 -12.90
O4 BGC D . 8.43 -8.48 -11.21
O5 BGC D . 7.79 -5.25 -9.62
O6 BGC D . 8.83 -7.30 -7.93
CL CL E . -6.71 7.76 23.52
CL CL F . 12.93 8.48 17.21
S SO2 G . 2.99 -27.61 5.48
O1 SO2 G . 2.20 -27.52 4.28
O2 SO2 G . 2.44 -28.50 6.44
S SO3 H . -19.67 -5.05 -15.60
O1 SO3 H . -21.02 -5.26 -16.21
O2 SO3 H . -19.40 -6.34 -14.88
O3 SO3 H . -18.73 -5.05 -16.75
S SO3 I . 1.81 -14.39 1.15
O1 SO3 I . 0.97 -14.35 -0.09
O2 SO3 I . 1.17 -13.34 2.00
O3 SO3 I . 3.09 -13.74 0.71
S SO4 J . -18.35 31.55 2.53
O1 SO4 J . -19.20 30.86 1.57
O2 SO4 J . -18.91 31.40 3.85
O3 SO4 J . -17.02 30.98 2.49
O4 SO4 J . -18.28 32.95 2.19
C CO2 K . -1.10 3.75 35.15
O1 CO2 K . -1.20 3.88 34.00
O2 CO2 K . -0.96 3.31 36.22
C1 EDO L . 7.35 11.74 29.75
O1 EDO L . 6.90 10.95 28.67
C2 EDO L . 7.58 10.93 30.93
O2 EDO L . 6.41 10.70 31.68
C1 EDO M . 6.47 -17.68 9.07
O1 EDO M . 6.24 -16.30 8.81
C2 EDO M . 5.95 -18.17 10.38
O2 EDO M . 6.61 -17.56 11.47
CL CL N . 20.99 -11.38 -8.78
CL CL O . 21.27 -23.17 3.76
CL CL P . 31.51 -1.21 11.71
S SO4 Q . 4.57 12.84 5.19
O1 SO4 Q . 3.79 11.87 5.93
O2 SO4 Q . 3.68 13.66 4.42
O3 SO4 Q . 5.48 12.17 4.29
O4 SO4 Q . 5.29 13.65 6.11
C1 EDO R . -8.79 2.88 -11.53
O1 EDO R . -8.83 1.54 -11.06
C2 EDO R . -10.05 3.50 -12.00
O2 EDO R . -9.95 3.91 -13.35
C1 EDO S . 14.38 -26.52 4.76
O1 EDO S . 14.64 -27.56 5.64
C2 EDO S . 13.46 -26.96 3.71
O2 EDO S . 14.07 -27.78 2.71
#